data_8K9R
#
_entry.id   8K9R
#
_cell.length_a   1.00
_cell.length_b   1.00
_cell.length_c   1.00
_cell.angle_alpha   90.00
_cell.angle_beta   90.00
_cell.angle_gamma   90.00
#
_symmetry.space_group_name_H-M   'P 1'
#
loop_
_entity.id
_entity.type
_entity.pdbx_description
1 polymer 'GPI inositol-deacylase,MCherry protein'
2 polymer 'Green fluorescent protein,Complement decay-accelerating factor'
3 non-polymer alpha-D-mannopyranose
4 non-polymer '2-azanylethyl [(2~{S},3~{S},4~{S},5~{S},6~{R})-6-(hydroxymethyl)-2,4,5-tris(oxidanyl)oxan-3-yl] hydrogen phosphate'
5 non-polymer 2-amino-2-deoxy-alpha-D-glucopyranose
6 non-polymer '[(2~{R})-1-octadecoxy-3-[oxidanyl-[(2~{R},3~{R},5~{S},6~{R})-2,3,4,5,6-pentakis(oxidanyl)cyclohexyl]oxy-phosphoryl]oxy-propan-2-yl] octadecanoate'
7 non-polymer 'PALMITIC ACID'
8 non-polymer CHOLESTEROL
9 non-polymer '2-azanylethyl [(2R,3S,4S,5S,6S)-3,4,5,6-tetrakis(oxidanyl)oxan-2-yl]methyl hydrogen phosphate'
#
loop_
_entity_poly.entity_id
_entity_poly.type
_entity_poly.pdbx_seq_one_letter_code
_entity_poly.pdbx_strand_id
1 'polypeptide(L)'
;MGSRSLSSASSDDDDAPPIRVPRVNQCATSRTKDSQSPAQSASKLDRRRSADRRPSFSANRRSGTGAGTGTGTGIANWRP
FDSRDATVERAGSSTATTATTPPPSSSLGLMLAANGAVQEKEMVMMGKAQEHGFVGRRAPWRSPWAISVFAFVTSLLGIG
LLLAVIHSSVTRQIDPKGCRMSYMRPSYAKLSDFDTEHTRLASKYSLYLYREQGIDHDVKVRGVPVLFIPGNAGSYKQVR
PIAAEAANYFHDVLQHDEAALRAGVRSLDFFTVDFNEDITAFHGQTLLDQAEYLNEAIRYILSLYLDPRVSERDPDLPDP
TSVIVLGHSMGGIVARTMLIMPNYQHNSINTIITMSAPHARPPVSFDGQIVQTYKDINNYWRHAYSQKWANDNPLWHVTL
VSIAGGGLDTVVPSDYASIESLVPDTHGFTVFTSTIPNVWTSMDNQAILWCDQFRKVIIRALFDIVDVHRASQTKPRAQR
MRVFKKWFLSGMETVAEKIAPTSDPTTLLIVDDKSDSITAEGERLVLRELGTQGSVRAHLMPIPPPGSPELKRFTLLTDT
KLDKPGENGKLEVMFCSVIPSQPNPTGPAIPSQLDLSKGNAGTTRLACTNVAPDVITLPASTRFARFPFSVRKEAEIPPF
SYLEYVLDDISEHQFVAVIEKATIPTPGFVIAEFSDHSNSHHTRHIGLRNLLTFGISLRLPSNRPMMSEVRIPSVKSSLL
AYNLRISALECSGRKDLFAPLVRQYLAEPYESKYFVNARQAAVSLHGVAPYVPPPMSREPEAEGLAFQLWTDPTCNSSIQ
VDLTVDVMGSLGKLYMRYRTVFAAFPLFIVSLVLRKQFQVYDSTGSFITFAEGLDLSLRQSIPVMLIVLAALTLSTTKMA
PSSSAGLWHWGGNTTFTNFHQNDLLIGTQDPFFLFLIPLIGIICVGVCTVVNYIALSLTRLISVVISFIGFLTVRFGWVN
AEDRRRPSNPAIFPPSSPRRRMITTAVLLFLVSTMIPYQLAYLVACLVQLGTLVRAQRISSELRSPANSNFHNYVHSIFI
LMLWILPINLPTLVVWMHNLSVHWLTPFTSHHNVFSIMPFILLVETHTTGQMIPRTGGTGNGRCCVLLRHITSILLLSLA
LYAAVYGVSYAYTLHQFVNLFAFWLVMVHSTADDWSLTGLRQLILHNRNNANNKSETGSRKRGKEPGTLEVLFQGPKLEF
VSKGEEDNMAIIKEFMRFKVHMEGSVNGHEFEIEGEGEGRPYEGTQTAKLKVTKGGPLPFAWDILSPQFMYGSKAYVKHP
ADIPDYLKLSFPEGFKWERVMNFEDGGVVTVTQDSSLQDGEFIYKVKLRGTNFPSDGPVMQKKTMGSEASSERMYPEDGA
LKGEVKYRLKLKDGGHYDAEVKTTYKAKKPVQLPGAYNVNRKLDITSHNEDYTIVEQYERAEGRHSTGGMDELYKSAHHH
HHHHHHH
;
A
2 'polypeptide(L)'
;GGSGGSASVIKPEMKIKLRMEGAVNGHKFVIEGEGIGKPYEGTQTLDLTVEEGAPLPFSYDILTPAFQYGNRAFTKYPED
IPDYFKQAFPEGYSWERSMTYEDQGICIATSDITMEGDCFFYEIRFDGTNFPPNGPVMQKKTLKWEPSTEKMYVEDGVLK
GDVEMALLLEGGGHYRCDFKTTYKAKKDVRLPDAHEVDHRIEILSHDKDYNKVRLYEHAEARYSGGGSGGGSAWSHPQFE
KGGGSGGGSGGSAWSHPQFEKGSPNKGSGTTS
;
B
#
# COMPACT_ATOMS: atom_id res chain seq x y z
N PRO A 140 -51.62 -2.76 20.93
CA PRO A 140 -51.97 -3.41 19.66
C PRO A 140 -50.81 -4.21 19.08
N TRP A 141 -51.12 -5.30 18.39
CA TRP A 141 -50.08 -6.14 17.80
C TRP A 141 -49.46 -5.44 16.60
N ARG A 142 -48.16 -5.19 16.69
CA ARG A 142 -47.40 -4.53 15.63
C ARG A 142 -46.57 -5.60 14.94
N SER A 143 -46.70 -5.70 13.62
CA SER A 143 -46.02 -6.74 12.89
C SER A 143 -44.51 -6.51 12.93
N PRO A 144 -43.71 -7.58 13.05
CA PRO A 144 -42.26 -7.41 12.97
C PRO A 144 -41.79 -6.86 11.64
N TRP A 145 -42.57 -7.05 10.57
CA TRP A 145 -42.19 -6.55 9.26
C TRP A 145 -42.51 -5.08 9.08
N ALA A 146 -43.46 -4.54 9.82
CA ALA A 146 -43.83 -3.15 9.68
C ALA A 146 -42.68 -2.23 10.08
N ILE A 147 -42.52 -1.15 9.32
CA ILE A 147 -41.47 -0.18 9.58
C ILE A 147 -42.07 1.21 9.46
N SER A 148 -41.53 2.14 10.23
CA SER A 148 -41.95 3.53 10.16
C SER A 148 -41.48 4.16 8.85
N VAL A 149 -42.19 5.19 8.41
CA VAL A 149 -41.74 5.95 7.26
C VAL A 149 -40.41 6.63 7.57
N PHE A 150 -40.27 7.17 8.78
CA PHE A 150 -39.02 7.80 9.19
C PHE A 150 -37.87 6.81 9.16
N ALA A 151 -38.08 5.60 9.68
CA ALA A 151 -37.01 4.62 9.71
C ALA A 151 -36.76 3.99 8.35
N PHE A 152 -37.79 3.92 7.51
CA PHE A 152 -37.60 3.38 6.17
C PHE A 152 -36.84 4.34 5.28
N VAL A 153 -37.19 5.63 5.34
CA VAL A 153 -36.49 6.63 4.54
C VAL A 153 -35.03 6.71 4.95
N THR A 154 -34.75 6.71 6.25
CA THR A 154 -33.38 6.77 6.73
C THR A 154 -32.59 5.55 6.29
N SER A 155 -33.21 4.37 6.34
CA SER A 155 -32.54 3.16 5.87
C SER A 155 -32.35 3.19 4.36
N LEU A 156 -33.30 3.75 3.62
CA LEU A 156 -33.15 3.89 2.18
C LEU A 156 -31.98 4.80 1.82
N LEU A 157 -31.81 5.90 2.56
CA LEU A 157 -30.64 6.74 2.33
C LEU A 157 -29.35 6.03 2.72
N GLY A 158 -29.38 5.26 3.80
CA GLY A 158 -28.18 4.55 4.20
C GLY A 158 -27.75 3.51 3.17
N ILE A 159 -28.71 2.76 2.64
CA ILE A 159 -28.38 1.83 1.56
C ILE A 159 -28.02 2.60 0.30
N GLY A 160 -28.70 3.72 0.05
CA GLY A 160 -28.35 4.53 -1.11
C GLY A 160 -26.95 5.09 -1.05
N LEU A 161 -26.56 5.62 0.11
CA LEU A 161 -25.19 6.12 0.28
C LEU A 161 -24.17 5.00 0.23
N LEU A 162 -24.56 3.78 0.60
CA LEU A 162 -23.65 2.65 0.49
C LEU A 162 -23.42 2.28 -0.97
N LEU A 163 -24.48 2.27 -1.78
CA LEU A 163 -24.32 1.96 -3.19
C LEU A 163 -23.52 3.03 -3.91
N ALA A 164 -23.75 4.29 -3.56
CA ALA A 164 -23.01 5.39 -4.19
C ALA A 164 -21.53 5.32 -3.85
N VAL A 165 -21.19 4.97 -2.61
CA VAL A 165 -19.78 4.83 -2.25
C VAL A 165 -19.17 3.64 -2.96
N ILE A 166 -19.87 2.51 -2.97
CA ILE A 166 -19.33 1.30 -3.61
C ILE A 166 -19.25 1.48 -5.11
N HIS A 167 -20.30 2.04 -5.72
CA HIS A 167 -20.31 2.19 -7.17
C HIS A 167 -19.22 3.13 -7.64
N SER A 168 -19.03 4.26 -6.95
CA SER A 168 -18.06 5.24 -7.40
C SER A 168 -16.65 4.91 -6.96
N SER A 169 -16.45 3.81 -6.24
CA SER A 169 -15.11 3.32 -5.94
C SER A 169 -14.62 2.33 -6.97
N VAL A 170 -15.50 1.86 -7.87
CA VAL A 170 -15.12 0.94 -8.93
C VAL A 170 -15.27 1.57 -10.30
N THR A 171 -15.75 2.80 -10.38
CA THR A 171 -15.96 3.48 -11.65
C THR A 171 -15.34 4.87 -11.73
N ARG A 172 -15.13 5.55 -10.62
CA ARG A 172 -14.62 6.90 -10.63
C ARG A 172 -13.16 6.90 -10.20
N GLN A 173 -12.34 7.71 -10.90
CA GLN A 173 -10.94 7.92 -10.56
C GLN A 173 -10.17 6.59 -10.55
N ILE A 174 -10.39 5.78 -11.57
CA ILE A 174 -9.70 4.51 -11.69
C ILE A 174 -8.47 4.71 -12.56
N ASP A 175 -7.33 4.27 -12.05
CA ASP A 175 -6.07 4.44 -12.75
C ASP A 175 -6.00 3.51 -13.97
N PRO A 176 -5.28 3.91 -15.00
CA PRO A 176 -5.08 3.02 -16.15
C PRO A 176 -4.32 1.77 -15.74
N LYS A 177 -4.70 0.64 -16.32
CA LYS A 177 -4.00 -0.61 -16.11
C LYS A 177 -2.95 -0.77 -17.19
N GLY A 178 -1.70 -0.93 -16.79
CA GLY A 178 -0.64 -1.00 -17.77
C GLY A 178 0.38 -2.09 -17.55
N CYS A 179 -0.03 -3.21 -16.96
CA CYS A 179 0.87 -4.33 -16.76
C CYS A 179 0.82 -5.27 -17.94
N ARG A 180 1.99 -5.60 -18.45
CA ARG A 180 2.15 -6.57 -19.51
C ARG A 180 2.32 -7.95 -18.89
N MET A 181 1.57 -8.93 -19.39
CA MET A 181 1.68 -10.27 -18.84
C MET A 181 3.06 -10.85 -19.11
N SER A 182 3.54 -11.65 -18.17
CA SER A 182 4.84 -12.29 -18.26
C SER A 182 4.69 -13.80 -18.39
N TYR A 183 5.49 -14.40 -19.25
CA TYR A 183 5.44 -15.83 -19.51
C TYR A 183 6.78 -16.46 -19.18
N MET A 184 6.74 -17.69 -18.68
CA MET A 184 7.95 -18.38 -18.26
C MET A 184 7.69 -19.88 -18.27
N ARG A 185 8.73 -20.64 -17.94
CA ARG A 185 8.66 -22.09 -17.88
C ARG A 185 8.92 -22.52 -16.44
N PRO A 186 7.91 -22.65 -15.60
CA PRO A 186 8.13 -22.85 -14.17
C PRO A 186 8.52 -24.27 -13.82
N SER A 187 9.26 -24.39 -12.73
CA SER A 187 9.61 -25.67 -12.15
C SER A 187 10.01 -25.44 -10.70
N TYR A 188 9.70 -26.41 -9.85
CA TYR A 188 9.95 -26.28 -8.43
C TYR A 188 10.57 -27.56 -7.89
N ALA A 189 11.65 -27.43 -7.15
CA ALA A 189 12.31 -28.55 -6.49
C ALA A 189 12.02 -28.46 -5.00
N LYS A 190 11.30 -29.44 -4.48
CA LYS A 190 10.93 -29.43 -3.07
C LYS A 190 12.13 -29.85 -2.24
N LEU A 191 12.54 -28.98 -1.33
CA LEU A 191 13.65 -29.28 -0.42
C LEU A 191 13.10 -30.14 0.70
N SER A 192 12.92 -31.43 0.40
CA SER A 192 12.26 -32.35 1.30
C SER A 192 13.16 -32.88 2.40
N ASP A 193 14.45 -32.58 2.35
CA ASP A 193 15.32 -32.88 3.47
C ASP A 193 15.16 -31.90 4.61
N PHE A 194 14.49 -30.79 4.38
CA PHE A 194 14.11 -29.84 5.43
C PHE A 194 12.81 -30.35 6.02
N ASP A 195 12.92 -31.18 7.06
CA ASP A 195 11.79 -31.93 7.58
C ASP A 195 11.59 -31.68 9.07
N THR A 196 10.77 -32.51 9.71
CA THR A 196 10.40 -32.30 11.11
C THR A 196 11.57 -32.40 12.07
N GLU A 197 12.71 -32.93 11.65
CA GLU A 197 13.89 -32.88 12.50
C GLU A 197 14.41 -31.46 12.64
N HIS A 198 14.13 -30.60 11.68
CA HIS A 198 14.58 -29.20 11.75
C HIS A 198 13.54 -28.30 12.39
N THR A 199 12.26 -28.53 12.15
CA THR A 199 11.20 -27.73 12.75
C THR A 199 9.92 -28.55 12.80
N ARG A 200 9.15 -28.35 13.86
CA ARG A 200 7.90 -29.08 14.02
C ARG A 200 6.89 -28.69 12.95
N LEU A 201 7.01 -27.49 12.40
CA LEU A 201 6.06 -27.02 11.40
C LEU A 201 6.32 -27.60 10.02
N ALA A 202 7.42 -28.33 9.83
CA ALA A 202 7.76 -28.89 8.54
C ALA A 202 6.81 -30.00 8.12
N SER A 203 6.00 -30.53 9.03
CA SER A 203 4.95 -31.45 8.65
C SER A 203 3.79 -30.72 8.00
N LYS A 204 3.72 -29.40 8.18
CA LYS A 204 2.65 -28.57 7.67
C LYS A 204 3.08 -27.66 6.54
N TYR A 205 4.31 -27.16 6.57
CA TYR A 205 4.82 -26.24 5.56
C TYR A 205 5.92 -26.91 4.75
N SER A 206 6.20 -26.34 3.59
CA SER A 206 7.21 -26.88 2.70
C SER A 206 8.01 -25.75 2.07
N LEU A 207 9.23 -26.08 1.67
CA LEU A 207 10.17 -25.15 1.08
C LEU A 207 10.59 -25.64 -0.29
N TYR A 208 10.60 -24.74 -1.27
CA TYR A 208 10.91 -25.08 -2.64
C TYR A 208 12.04 -24.22 -3.17
N LEU A 209 12.77 -24.75 -4.13
CA LEU A 209 13.76 -24.00 -4.89
C LEU A 209 13.21 -23.82 -6.29
N TYR A 210 13.07 -22.58 -6.72
CA TYR A 210 12.60 -22.33 -8.08
C TYR A 210 13.69 -22.66 -9.08
N ARG A 211 13.33 -23.45 -10.08
CA ARG A 211 14.21 -23.78 -11.19
C ARG A 211 13.51 -23.39 -12.47
N GLU A 212 14.16 -22.53 -13.26
CA GLU A 212 13.54 -22.04 -14.53
C GLU A 212 14.04 -22.89 -15.70
N GLN A 213 13.13 -23.53 -16.44
CA GLN A 213 13.51 -24.39 -17.58
C GLN A 213 14.30 -23.55 -18.59
N GLY A 214 15.39 -24.11 -19.13
CA GLY A 214 16.23 -23.37 -20.11
C GLY A 214 17.35 -22.63 -19.42
N ILE A 215 17.32 -22.55 -18.08
CA ILE A 215 18.39 -21.85 -17.31
C ILE A 215 18.92 -22.81 -16.23
N ASP A 216 18.03 -23.30 -15.36
CA ASP A 216 18.44 -24.21 -14.26
C ASP A 216 18.33 -25.65 -14.74
N HIS A 217 19.48 -26.33 -14.91
CA HIS A 217 19.47 -27.73 -15.34
C HIS A 217 19.72 -28.70 -14.19
N ASP A 218 19.83 -28.21 -12.97
CA ASP A 218 20.02 -29.10 -11.83
C ASP A 218 19.61 -28.38 -10.57
N VAL A 219 19.26 -29.14 -9.54
CA VAL A 219 18.90 -28.54 -8.27
C VAL A 219 20.18 -28.30 -7.45
N LYS A 220 20.96 -27.31 -7.81
CA LYS A 220 22.16 -26.95 -7.03
C LYS A 220 22.13 -25.45 -6.86
N VAL A 221 22.78 -24.94 -5.85
CA VAL A 221 22.71 -23.50 -5.54
C VAL A 221 24.03 -22.91 -5.99
N ARG A 222 23.96 -21.92 -6.86
CA ARG A 222 25.20 -21.34 -7.42
C ARG A 222 25.20 -19.83 -7.26
N GLY A 223 24.43 -19.29 -6.32
CA GLY A 223 24.38 -17.82 -6.25
C GLY A 223 23.87 -17.28 -4.92
N VAL A 224 23.33 -16.07 -4.95
CA VAL A 224 22.84 -15.41 -3.74
C VAL A 224 21.48 -15.98 -3.37
N PRO A 225 21.27 -16.43 -2.13
CA PRO A 225 19.96 -16.97 -1.74
C PRO A 225 18.93 -15.87 -1.54
N VAL A 226 17.74 -16.05 -2.11
CA VAL A 226 16.64 -15.12 -1.98
C VAL A 226 15.40 -15.90 -1.57
N LEU A 227 14.66 -15.37 -0.61
CA LEU A 227 13.49 -16.05 -0.07
C LEU A 227 12.24 -15.23 -0.37
N PHE A 228 11.26 -15.87 -1.00
CA PHE A 228 9.99 -15.24 -1.31
C PHE A 228 8.92 -15.76 -0.36
N ILE A 229 8.19 -14.84 0.27
CA ILE A 229 7.13 -15.20 1.21
C ILE A 229 5.80 -14.77 0.61
N PRO A 230 4.90 -15.70 0.32
CA PRO A 230 3.58 -15.32 -0.19
C PRO A 230 2.67 -14.75 0.89
N GLY A 231 1.58 -14.13 0.49
CA GLY A 231 0.73 -13.42 1.43
C GLY A 231 -0.45 -14.20 1.95
N ASN A 232 -1.54 -13.50 2.25
CA ASN A 232 -2.76 -14.13 2.75
C ASN A 232 -3.34 -15.04 1.67
N ALA A 233 -3.35 -16.34 1.95
CA ALA A 233 -3.85 -17.34 1.00
C ALA A 233 -3.12 -17.28 -0.33
N GLY A 234 -1.86 -16.85 -0.31
CA GLY A 234 -1.04 -16.83 -1.50
C GLY A 234 -0.44 -18.19 -1.80
N SER A 235 0.23 -18.27 -2.93
CA SER A 235 0.86 -19.51 -3.37
C SER A 235 2.37 -19.36 -3.38
N TYR A 236 3.05 -20.46 -3.11
CA TYR A 236 4.50 -20.49 -3.31
C TYR A 236 4.88 -20.39 -4.77
N LYS A 237 3.93 -20.41 -5.68
CA LYS A 237 4.16 -20.50 -7.11
C LYS A 237 4.01 -19.12 -7.65
N GLN A 238 3.77 -18.16 -6.81
CA GLN A 238 3.73 -16.76 -7.22
C GLN A 238 5.12 -16.16 -7.39
N VAL A 239 6.18 -16.87 -7.01
CA VAL A 239 7.57 -16.34 -7.26
C VAL A 239 7.90 -16.55 -8.74
N ARG A 240 7.10 -17.34 -9.44
CA ARG A 240 7.26 -17.66 -10.84
C ARG A 240 7.81 -16.50 -11.66
N PRO A 241 7.14 -15.33 -11.76
CA PRO A 241 7.62 -14.25 -12.64
C PRO A 241 8.98 -13.68 -12.23
N ILE A 242 9.11 -13.22 -10.98
CA ILE A 242 10.33 -12.57 -10.54
C ILE A 242 11.52 -13.52 -10.52
N ALA A 243 11.31 -14.78 -10.16
CA ALA A 243 12.39 -15.76 -10.20
C ALA A 243 12.79 -16.12 -11.61
N ALA A 244 11.86 -16.08 -12.57
CA ALA A 244 12.16 -16.41 -13.94
C ALA A 244 12.94 -15.30 -14.63
N GLU A 245 12.59 -14.05 -14.35
CA GLU A 245 13.33 -12.92 -14.92
C GLU A 245 14.75 -12.87 -14.39
N ALA A 246 14.94 -13.20 -13.12
CA ALA A 246 16.28 -13.28 -12.56
C ALA A 246 17.11 -14.39 -13.18
N ALA A 247 16.47 -15.50 -13.55
CA ALA A 247 17.17 -16.60 -14.19
C ALA A 247 17.52 -16.28 -15.63
N ASN A 248 16.64 -15.59 -16.35
CA ASN A 248 16.92 -15.24 -17.73
C ASN A 248 17.92 -14.10 -17.81
N TYR A 249 17.81 -13.10 -16.95
CA TYR A 249 18.70 -11.94 -17.06
C TYR A 249 20.15 -12.33 -16.79
N PHE A 250 20.39 -13.19 -15.81
CA PHE A 250 21.76 -13.64 -15.59
C PHE A 250 22.25 -14.48 -16.75
N HIS A 251 21.38 -15.33 -17.31
CA HIS A 251 21.75 -16.13 -18.47
C HIS A 251 22.07 -15.25 -19.67
N ASP A 252 21.19 -14.30 -19.96
CA ASP A 252 21.32 -13.50 -21.18
C ASP A 252 22.47 -12.52 -21.07
N VAL A 253 22.59 -11.84 -19.95
CA VAL A 253 23.43 -10.66 -19.83
C VAL A 253 24.60 -10.89 -18.88
N LEU A 254 24.30 -11.17 -17.61
CA LEU A 254 25.32 -11.03 -16.58
C LEU A 254 26.39 -12.12 -16.68
N GLN A 255 25.99 -13.35 -16.99
CA GLN A 255 26.97 -14.43 -16.95
C GLN A 255 28.08 -14.24 -17.98
N HIS A 256 27.88 -13.35 -18.96
CA HIS A 256 28.93 -12.97 -19.89
C HIS A 256 29.70 -11.74 -19.44
N ASP A 257 29.06 -10.85 -18.68
CA ASP A 257 29.69 -9.62 -18.20
C ASP A 257 30.80 -9.98 -17.23
N GLU A 258 32.05 -9.95 -17.70
CA GLU A 258 33.14 -10.44 -16.87
C GLU A 258 33.48 -9.46 -15.75
N ALA A 259 33.32 -8.17 -16.00
CA ALA A 259 33.51 -7.19 -14.94
C ALA A 259 32.47 -7.35 -13.84
N ALA A 260 31.22 -7.66 -14.20
CA ALA A 260 30.18 -7.82 -13.19
C ALA A 260 30.47 -9.00 -12.27
N LEU A 261 30.92 -10.12 -12.84
CA LEU A 261 31.34 -11.24 -12.00
C LEU A 261 32.58 -10.92 -11.18
N ARG A 262 33.51 -10.16 -11.76
CA ARG A 262 34.69 -9.77 -10.99
C ARG A 262 34.34 -8.80 -9.86
N ALA A 263 33.20 -8.12 -9.93
CA ALA A 263 32.73 -7.27 -8.86
C ALA A 263 31.91 -8.01 -7.83
N GLY A 264 31.61 -9.28 -8.05
CA GLY A 264 30.92 -10.07 -7.06
C GLY A 264 29.44 -10.29 -7.33
N VAL A 265 29.08 -10.44 -8.57
CA VAL A 265 27.69 -10.70 -8.95
C VAL A 265 27.53 -12.14 -9.37
N ARG A 266 26.53 -12.82 -8.82
CA ARG A 266 26.21 -14.18 -9.22
C ARG A 266 24.70 -14.27 -9.40
N SER A 267 24.23 -15.45 -9.79
CA SER A 267 22.81 -15.64 -10.02
C SER A 267 22.07 -15.60 -8.69
N LEU A 268 20.77 -15.40 -8.77
CA LEU A 268 19.92 -15.38 -7.59
C LEU A 268 19.21 -16.72 -7.48
N ASP A 269 19.38 -17.38 -6.33
CA ASP A 269 18.69 -18.62 -6.04
C ASP A 269 17.39 -18.29 -5.32
N PHE A 270 16.26 -18.54 -5.95
CA PHE A 270 14.98 -18.13 -5.42
C PHE A 270 14.34 -19.30 -4.70
N PHE A 271 14.30 -19.22 -3.38
CA PHE A 271 13.57 -20.16 -2.55
C PHE A 271 12.20 -19.59 -2.26
N THR A 272 11.19 -20.45 -2.32
CA THR A 272 9.82 -20.06 -2.05
C THR A 272 9.21 -21.04 -1.08
N VAL A 273 8.30 -20.55 -0.25
CA VAL A 273 7.78 -21.33 0.86
C VAL A 273 6.29 -21.59 0.64
N ASP A 274 5.88 -22.83 0.85
CA ASP A 274 4.50 -23.25 0.70
C ASP A 274 3.83 -23.24 2.08
N PHE A 275 2.94 -22.29 2.29
CA PHE A 275 2.23 -22.15 3.56
C PHE A 275 0.85 -22.78 3.53
N ASN A 276 0.56 -23.60 2.52
CA ASN A 276 -0.75 -24.23 2.34
C ASN A 276 -1.85 -23.20 2.15
N GLU A 277 -1.52 -22.03 1.63
CA GLU A 277 -2.51 -20.96 1.44
C GLU A 277 -3.16 -20.59 2.76
N ASP A 278 -2.33 -20.38 3.77
CA ASP A 278 -2.81 -20.02 5.09
C ASP A 278 -3.46 -18.65 5.08
N ILE A 279 -4.47 -18.48 5.92
CA ILE A 279 -5.18 -17.22 6.06
C ILE A 279 -4.42 -16.43 7.11
N THR A 280 -3.38 -15.73 6.67
CA THR A 280 -2.45 -15.10 7.61
C THR A 280 -3.02 -13.81 8.20
N ALA A 281 -3.76 -13.04 7.41
CA ALA A 281 -4.24 -11.75 7.89
C ALA A 281 -5.33 -11.89 8.95
N PHE A 282 -5.89 -13.08 9.12
CA PHE A 282 -7.01 -13.28 10.03
C PHE A 282 -6.66 -14.12 11.25
N HIS A 283 -5.42 -14.58 11.37
CA HIS A 283 -5.04 -15.39 12.51
C HIS A 283 -3.60 -15.05 12.85
N GLY A 284 -3.33 -14.77 14.12
CA GLY A 284 -2.01 -14.30 14.52
C GLY A 284 -1.04 -15.41 14.85
N GLN A 285 -1.56 -16.51 15.40
CA GLN A 285 -0.72 -17.66 15.63
C GLN A 285 -0.21 -18.23 14.32
N THR A 286 -0.98 -18.09 13.23
CA THR A 286 -0.48 -18.45 11.92
C THR A 286 0.73 -17.60 11.54
N LEU A 287 0.66 -16.29 11.78
CA LEU A 287 1.77 -15.40 11.47
C LEU A 287 3.02 -15.79 12.25
N LEU A 288 2.85 -16.05 13.55
CA LEU A 288 4.00 -16.43 14.36
C LEU A 288 4.58 -17.77 13.93
N ASP A 289 3.72 -18.74 13.61
CA ASP A 289 4.19 -20.02 13.12
C ASP A 289 4.98 -19.86 11.84
N GLN A 290 4.50 -19.03 10.93
CA GLN A 290 5.20 -18.81 9.67
C GLN A 290 6.55 -18.16 9.91
N ALA A 291 6.63 -17.18 10.80
CA ALA A 291 7.91 -16.54 11.08
C ALA A 291 8.91 -17.52 11.67
N GLU A 292 8.47 -18.36 12.61
CA GLU A 292 9.36 -19.36 13.20
C GLU A 292 9.84 -20.36 12.16
N TYR A 293 8.92 -20.85 11.33
CA TYR A 293 9.29 -21.77 10.27
C TYR A 293 10.31 -21.14 9.34
N LEU A 294 10.15 -19.87 9.02
CA LEU A 294 11.04 -19.25 8.06
C LEU A 294 12.41 -18.95 8.64
N ASN A 295 12.49 -18.70 9.95
CA ASN A 295 13.82 -18.61 10.57
C ASN A 295 14.54 -19.95 10.48
N GLU A 296 13.84 -21.04 10.78
CA GLU A 296 14.46 -22.35 10.60
C GLU A 296 14.82 -22.61 9.15
N ALA A 297 13.96 -22.16 8.23
CA ALA A 297 14.21 -22.35 6.80
C ALA A 297 15.45 -21.60 6.34
N ILE A 298 15.67 -20.39 6.88
CA ILE A 298 16.88 -19.66 6.55
C ILE A 298 18.10 -20.40 7.07
N ARG A 299 18.01 -20.98 8.26
CA ARG A 299 19.12 -21.82 8.73
C ARG A 299 19.42 -22.92 7.72
N TYR A 300 18.39 -23.62 7.26
CA TYR A 300 18.60 -24.72 6.31
C TYR A 300 19.17 -24.21 4.98
N ILE A 301 18.65 -23.08 4.49
CA ILE A 301 19.10 -22.54 3.21
C ILE A 301 20.58 -22.18 3.28
N LEU A 302 20.99 -21.52 4.37
CA LEU A 302 22.39 -21.20 4.52
C LEU A 302 23.25 -22.43 4.75
N SER A 303 22.68 -23.50 5.31
CA SER A 303 23.42 -24.74 5.40
C SER A 303 23.63 -25.39 4.04
N LEU A 304 22.72 -25.11 3.10
CA LEU A 304 22.85 -25.68 1.76
C LEU A 304 24.16 -25.30 1.10
N TYR A 305 24.62 -24.08 1.31
CA TYR A 305 25.82 -23.55 0.69
C TYR A 305 27.09 -24.07 1.32
N LEU A 306 26.99 -25.06 2.22
CA LEU A 306 28.15 -25.72 2.78
C LEU A 306 28.37 -27.11 2.21
N ASP A 307 27.40 -27.63 1.46
CA ASP A 307 27.41 -29.01 1.02
C ASP A 307 27.95 -29.06 -0.40
N PRO A 308 29.07 -29.74 -0.66
CA PRO A 308 29.57 -29.82 -2.04
C PRO A 308 28.62 -30.51 -2.99
N ARG A 309 27.77 -31.41 -2.50
CA ARG A 309 26.84 -32.12 -3.35
C ARG A 309 25.66 -31.27 -3.78
N VAL A 310 25.49 -30.08 -3.19
CA VAL A 310 24.36 -29.23 -3.53
C VAL A 310 24.79 -27.83 -3.99
N SER A 311 25.96 -27.35 -3.60
CA SER A 311 26.39 -26.01 -3.94
C SER A 311 27.62 -26.05 -4.84
N GLU A 312 27.54 -25.38 -5.98
CA GLU A 312 28.68 -25.16 -6.86
C GLU A 312 29.00 -23.68 -6.85
N ARG A 313 30.05 -23.30 -6.13
CA ARG A 313 30.45 -21.91 -6.04
C ARG A 313 31.98 -21.82 -6.11
N ASP A 314 32.47 -20.62 -6.30
CA ASP A 314 33.91 -20.41 -6.28
C ASP A 314 34.46 -20.72 -4.89
N PRO A 315 35.65 -21.31 -4.79
CA PRO A 315 36.14 -21.72 -3.46
C PRO A 315 36.64 -20.57 -2.61
N ASP A 316 36.92 -19.41 -3.19
CA ASP A 316 37.41 -18.26 -2.44
C ASP A 316 36.30 -17.40 -1.88
N LEU A 317 35.05 -17.70 -2.21
CA LEU A 317 33.94 -16.90 -1.72
C LEU A 317 33.65 -17.21 -0.26
N PRO A 318 33.24 -16.20 0.51
CA PRO A 318 32.80 -16.47 1.88
C PRO A 318 31.48 -17.22 1.90
N ASP A 319 31.25 -17.90 3.01
CA ASP A 319 30.00 -18.62 3.18
C ASP A 319 28.86 -17.62 3.40
N PRO A 320 27.72 -17.82 2.75
CA PRO A 320 26.60 -16.89 2.94
C PRO A 320 26.08 -16.94 4.37
N THR A 321 25.84 -15.76 4.94
CA THR A 321 25.26 -15.66 6.28
C THR A 321 23.96 -14.88 6.28
N SER A 322 23.48 -14.44 5.13
CA SER A 322 22.26 -13.67 5.04
C SER A 322 21.45 -14.14 3.84
N VAL A 323 20.15 -13.90 3.93
CA VAL A 323 19.21 -14.18 2.85
C VAL A 323 18.47 -12.89 2.55
N ILE A 324 18.24 -12.61 1.27
CA ILE A 324 17.38 -11.51 0.84
C ILE A 324 15.95 -11.99 0.91
N VAL A 325 15.06 -11.18 1.47
CA VAL A 325 13.68 -11.58 1.68
C VAL A 325 12.77 -10.68 0.85
N LEU A 326 11.96 -11.29 -0.01
CA LEU A 326 10.98 -10.54 -0.80
C LEU A 326 9.62 -11.03 -0.34
N GLY A 327 8.80 -10.19 0.24
CA GLY A 327 7.50 -10.62 0.74
C GLY A 327 6.34 -9.94 0.08
N HIS A 328 5.28 -10.67 -0.17
CA HIS A 328 4.06 -10.10 -0.78
C HIS A 328 2.94 -10.04 0.23
N SER A 329 2.32 -8.88 0.41
CA SER A 329 1.17 -8.69 1.31
C SER A 329 1.59 -9.06 2.72
N MET A 330 0.88 -9.99 3.35
CA MET A 330 1.22 -10.45 4.72
C MET A 330 2.63 -11.04 4.71
N GLY A 331 3.12 -11.48 3.55
CA GLY A 331 4.47 -12.07 3.45
C GLY A 331 5.52 -11.13 4.00
N GLY A 332 5.45 -9.84 3.63
CA GLY A 332 6.39 -8.84 4.15
C GLY A 332 6.24 -8.69 5.65
N ILE A 333 5.00 -8.72 6.14
CA ILE A 333 4.74 -8.60 7.62
C ILE A 333 5.43 -9.76 8.33
N VAL A 334 5.33 -10.97 7.77
CA VAL A 334 6.00 -12.16 8.36
C VAL A 334 7.52 -11.90 8.39
N ALA A 335 8.05 -11.31 7.32
CA ALA A 335 9.51 -11.03 7.25
C ALA A 335 9.91 -10.11 8.41
N ARG A 336 9.13 -9.06 8.66
CA ARG A 336 9.44 -8.14 9.79
C ARG A 336 9.32 -8.93 11.10
N THR A 337 8.27 -9.73 11.24
CA THR A 337 8.07 -10.55 12.46
C THR A 337 9.26 -11.50 12.63
N MET A 338 9.85 -11.96 11.52
CA MET A 338 10.94 -12.92 11.61
C MET A 338 12.10 -12.40 12.44
N LEU A 339 12.29 -11.09 12.48
CA LEU A 339 13.41 -10.49 13.16
C LEU A 339 13.19 -10.29 14.65
N ILE A 340 11.96 -10.48 15.13
CA ILE A 340 11.69 -10.39 16.57
C ILE A 340 11.46 -11.74 17.21
N MET A 341 11.42 -12.81 16.45
CA MET A 341 11.18 -14.13 17.01
C MET A 341 12.41 -14.62 17.77
N PRO A 342 12.21 -15.46 18.79
CA PRO A 342 13.36 -15.93 19.58
C PRO A 342 14.37 -16.74 18.81
N ASN A 343 13.97 -17.48 17.79
CA ASN A 343 14.88 -18.31 17.02
C ASN A 343 15.50 -17.58 15.85
N TYR A 344 15.41 -16.25 15.83
CA TYR A 344 16.05 -15.48 14.78
C TYR A 344 17.56 -15.53 14.93
N GLN A 345 18.25 -15.79 13.84
CA GLN A 345 19.71 -15.79 13.83
C GLN A 345 20.17 -14.41 13.42
N HIS A 346 21.00 -13.79 14.26
CA HIS A 346 21.40 -12.41 14.02
C HIS A 346 22.13 -12.27 12.70
N ASN A 347 21.89 -11.14 12.03
CA ASN A 347 22.56 -10.78 10.79
C ASN A 347 22.22 -11.72 9.64
N SER A 348 21.10 -12.44 9.76
CA SER A 348 20.68 -13.34 8.71
C SER A 348 19.66 -12.75 7.77
N ILE A 349 19.10 -11.59 8.08
CA ILE A 349 18.38 -10.77 7.11
C ILE A 349 18.92 -9.36 7.19
N ASN A 350 19.28 -8.79 6.06
CA ASN A 350 19.61 -7.38 5.98
C ASN A 350 18.84 -6.65 4.90
N THR A 351 18.16 -7.35 4.00
CA THR A 351 17.44 -6.72 2.90
C THR A 351 16.03 -7.29 2.88
N ILE A 352 15.04 -6.45 3.17
CA ILE A 352 13.64 -6.81 3.04
C ILE A 352 13.03 -5.89 2.00
N ILE A 353 12.43 -6.48 0.97
CA ILE A 353 11.64 -5.74 0.00
C ILE A 353 10.25 -6.33 0.05
N THR A 354 9.26 -5.48 0.30
CA THR A 354 7.88 -5.94 0.44
C THR A 354 7.02 -5.31 -0.65
N MET A 355 6.15 -6.11 -1.24
CA MET A 355 5.25 -5.65 -2.29
C MET A 355 3.83 -5.64 -1.71
N SER A 356 3.26 -4.44 -1.57
CA SER A 356 1.89 -4.25 -1.11
C SER A 356 1.66 -4.86 0.27
N ALA A 357 2.55 -4.57 1.19
CA ALA A 357 2.45 -5.12 2.54
C ALA A 357 1.92 -4.06 3.50
N PRO A 358 0.93 -4.38 4.30
CA PRO A 358 0.38 -3.40 5.26
C PRO A 358 1.24 -3.22 6.51
N HIS A 359 2.29 -2.41 6.37
CA HIS A 359 3.24 -2.27 7.47
C HIS A 359 2.69 -1.42 8.59
N ALA A 360 1.93 -0.38 8.26
CA ALA A 360 1.53 0.57 9.29
C ALA A 360 0.41 0.03 10.16
N ARG A 361 -0.39 -0.89 9.64
CA ARG A 361 -1.63 -1.21 10.34
C ARG A 361 -2.13 -2.57 9.93
N PRO A 362 -2.73 -3.36 10.82
CA PRO A 362 -3.34 -4.62 10.40
C PRO A 362 -4.45 -4.38 9.40
N PRO A 363 -4.59 -5.25 8.40
CA PRO A 363 -5.71 -5.06 7.46
C PRO A 363 -7.07 -5.17 8.13
N VAL A 364 -7.29 -6.21 8.93
CA VAL A 364 -8.44 -6.32 9.80
C VAL A 364 -7.95 -6.67 11.19
N SER A 365 -8.73 -6.30 12.20
CA SER A 365 -8.36 -6.54 13.59
C SER A 365 -9.25 -7.58 14.25
N PHE A 366 -9.64 -8.61 13.50
CA PHE A 366 -10.53 -9.63 14.04
C PHE A 366 -9.82 -10.55 15.03
N ASP A 367 -8.50 -10.64 14.95
CA ASP A 367 -7.72 -11.46 15.87
C ASP A 367 -6.86 -10.56 16.75
N GLY A 368 -6.82 -10.87 18.03
CA GLY A 368 -6.04 -10.09 18.96
C GLY A 368 -4.55 -10.34 18.83
N GLN A 369 -4.21 -11.52 18.32
CA GLN A 369 -2.79 -11.85 18.15
C GLN A 369 -2.19 -11.07 16.99
N ILE A 370 -2.95 -10.84 15.92
CA ILE A 370 -2.47 -9.99 14.83
C ILE A 370 -2.19 -8.58 15.34
N VAL A 371 -3.12 -8.04 16.11
CA VAL A 371 -2.95 -6.69 16.64
C VAL A 371 -1.75 -6.62 17.57
N GLN A 372 -1.59 -7.62 18.42
CA GLN A 372 -0.45 -7.63 19.33
C GLN A 372 0.87 -7.78 18.58
N THR A 373 0.91 -8.60 17.54
CA THR A 373 2.15 -8.79 16.79
C THR A 373 2.50 -7.54 16.00
N TYR A 374 1.51 -6.85 15.45
CA TYR A 374 1.77 -5.54 14.84
C TYR A 374 2.33 -4.56 15.86
N LYS A 375 1.75 -4.51 17.05
CA LYS A 375 2.31 -3.65 18.08
C LYS A 375 3.75 -4.04 18.37
N ASP A 376 4.03 -5.34 18.43
CA ASP A 376 5.38 -5.82 18.72
C ASP A 376 6.38 -5.37 17.66
N ILE A 377 6.08 -5.64 16.39
CA ILE A 377 7.06 -5.34 15.34
C ILE A 377 7.19 -3.84 15.11
N ASN A 378 6.07 -3.11 15.17
CA ASN A 378 6.14 -1.67 14.99
C ASN A 378 6.91 -1.02 16.13
N ASN A 379 6.68 -1.47 17.36
CA ASN A 379 7.46 -1.00 18.49
C ASN A 379 8.93 -1.36 18.34
N TYR A 380 9.22 -2.55 17.80
CA TYR A 380 10.60 -2.98 17.64
C TYR A 380 11.35 -2.07 16.67
N TRP A 381 10.80 -1.87 15.47
CA TRP A 381 11.39 -0.87 14.57
C TRP A 381 11.50 0.52 15.17
N ARG A 382 10.44 1.03 15.80
CA ARG A 382 10.52 2.40 16.31
C ARG A 382 11.59 2.52 17.38
N HIS A 383 11.60 1.59 18.34
CA HIS A 383 12.56 1.63 19.42
C HIS A 383 13.99 1.43 18.90
N ALA A 384 14.17 0.51 17.96
CA ALA A 384 15.51 0.23 17.45
C ALA A 384 16.07 1.42 16.69
N TYR A 385 15.27 2.03 15.82
CA TYR A 385 15.78 3.16 15.06
C TYR A 385 15.80 4.46 15.84
N SER A 386 15.18 4.48 17.02
CA SER A 386 15.27 5.64 17.89
C SER A 386 16.54 5.63 18.75
N GLN A 387 17.36 4.60 18.66
CA GLN A 387 18.59 4.53 19.43
C GLN A 387 19.64 5.45 18.84
N LYS A 388 20.49 6.01 19.70
CA LYS A 388 21.49 6.95 19.21
C LYS A 388 22.78 6.25 18.80
N TRP A 389 23.14 5.15 19.45
CA TRP A 389 24.36 4.43 19.15
C TRP A 389 24.05 3.20 18.31
N ALA A 390 24.73 3.09 17.17
CA ALA A 390 24.41 2.04 16.21
C ALA A 390 24.57 0.66 16.79
N ASN A 391 25.47 0.49 17.76
CA ASN A 391 25.65 -0.81 18.38
C ASN A 391 24.41 -1.24 19.16
N ASP A 392 23.65 -0.28 19.66
CA ASP A 392 22.39 -0.56 20.35
C ASP A 392 21.22 -0.73 19.39
N ASN A 393 21.44 -0.54 18.09
CA ASN A 393 20.39 -0.61 17.09
C ASN A 393 20.43 -1.98 16.42
N PRO A 394 19.50 -2.89 16.75
CA PRO A 394 19.51 -4.21 16.09
C PRO A 394 19.23 -4.15 14.62
N LEU A 395 18.55 -3.11 14.13
CA LEU A 395 18.20 -2.98 12.73
C LEU A 395 19.10 -1.99 12.01
N TRP A 396 20.33 -1.83 12.49
CA TRP A 396 21.23 -0.85 11.89
C TRP A 396 21.60 -1.24 10.47
N HIS A 397 21.87 -2.51 10.22
CA HIS A 397 22.27 -2.96 8.91
C HIS A 397 21.10 -3.42 8.04
N VAL A 398 19.86 -3.27 8.52
CA VAL A 398 18.69 -3.76 7.81
C VAL A 398 18.08 -2.61 7.01
N THR A 399 17.82 -2.87 5.74
CA THR A 399 17.08 -1.95 4.88
C THR A 399 15.74 -2.56 4.51
N LEU A 400 14.68 -1.77 4.63
CA LEU A 400 13.35 -2.22 4.27
C LEU A 400 12.80 -1.26 3.22
N VAL A 401 12.44 -1.80 2.06
CA VAL A 401 11.83 -1.03 0.98
C VAL A 401 10.42 -1.54 0.80
N SER A 402 9.44 -0.65 0.90
CA SER A 402 8.04 -1.00 0.78
C SER A 402 7.49 -0.45 -0.53
N ILE A 403 7.04 -1.34 -1.40
CA ILE A 403 6.47 -0.97 -2.68
C ILE A 403 4.97 -1.19 -2.60
N ALA A 404 4.21 -0.17 -2.98
CA ALA A 404 2.76 -0.20 -2.91
C ALA A 404 2.19 -0.18 -4.32
N GLY A 405 1.19 -1.00 -4.57
CA GLY A 405 0.59 -1.05 -5.89
C GLY A 405 -0.08 0.25 -6.27
N GLY A 406 -0.78 0.88 -5.33
CA GLY A 406 -1.41 2.15 -5.58
C GLY A 406 -2.93 2.04 -5.50
N GLY A 407 -3.60 2.83 -6.33
CA GLY A 407 -5.06 2.89 -6.27
C GLY A 407 -5.74 1.67 -6.85
N LEU A 408 -5.04 0.91 -7.68
CA LEU A 408 -5.63 -0.30 -8.24
C LEU A 408 -5.60 -1.46 -7.27
N ASP A 409 -4.89 -1.33 -6.16
CA ASP A 409 -4.82 -2.39 -5.16
C ASP A 409 -6.02 -2.25 -4.24
N THR A 410 -6.99 -3.15 -4.39
CA THR A 410 -8.20 -3.14 -3.59
C THR A 410 -8.24 -4.22 -2.53
N VAL A 411 -7.15 -4.95 -2.32
CA VAL A 411 -7.10 -5.91 -1.22
C VAL A 411 -6.46 -5.29 0.01
N VAL A 412 -5.27 -4.73 -0.16
CA VAL A 412 -4.55 -4.02 0.89
C VAL A 412 -4.59 -2.54 0.56
N PRO A 413 -5.10 -1.68 1.44
CA PRO A 413 -5.00 -0.24 1.18
C PRO A 413 -3.55 0.18 1.07
N SER A 414 -3.24 0.95 0.04
CA SER A 414 -1.87 1.42 -0.15
C SER A 414 -1.46 2.41 0.92
N ASP A 415 -2.41 2.92 1.71
CA ASP A 415 -2.08 3.78 2.83
C ASP A 415 -1.33 3.02 3.91
N TYR A 416 -1.58 1.72 4.04
CA TYR A 416 -0.97 0.93 5.09
C TYR A 416 0.47 0.54 4.78
N ALA A 417 0.90 0.71 3.54
CA ALA A 417 2.25 0.37 3.14
C ALA A 417 3.28 1.38 3.59
N SER A 418 2.85 2.54 4.10
CA SER A 418 3.78 3.58 4.49
C SER A 418 4.58 3.17 5.71
N ILE A 419 5.90 3.21 5.58
CA ILE A 419 6.80 2.88 6.68
C ILE A 419 7.51 4.12 7.22
N GLU A 420 7.02 5.31 6.90
CA GLU A 420 7.70 6.52 7.33
C GLU A 420 7.73 6.67 8.84
N SER A 421 6.76 6.10 9.54
CA SER A 421 6.74 6.10 10.99
C SER A 421 7.56 4.97 11.59
N LEU A 422 8.19 4.13 10.76
CA LEU A 422 8.92 2.97 11.21
C LEU A 422 10.39 3.00 10.87
N VAL A 423 10.74 3.44 9.67
CA VAL A 423 12.10 3.35 9.15
C VAL A 423 12.56 4.76 8.78
N PRO A 424 13.71 5.21 9.26
CA PRO A 424 14.24 6.50 8.80
C PRO A 424 14.68 6.41 7.35
N ASP A 425 14.79 7.58 6.71
CA ASP A 425 15.07 7.62 5.29
C ASP A 425 16.43 7.02 4.95
N THR A 426 17.32 6.89 5.92
CA THR A 426 18.62 6.30 5.67
C THR A 426 18.54 4.78 5.54
N HIS A 427 17.43 4.17 5.93
CA HIS A 427 17.32 2.73 5.94
C HIS A 427 16.16 2.19 5.11
N GLY A 428 15.31 3.03 4.55
CA GLY A 428 14.26 2.52 3.71
C GLY A 428 13.31 3.63 3.32
N PHE A 429 12.41 3.29 2.40
CA PHE A 429 11.41 4.23 1.95
C PHE A 429 10.21 3.46 1.42
N THR A 430 9.10 4.17 1.27
CA THR A 430 7.90 3.66 0.64
C THR A 430 7.80 4.26 -0.75
N VAL A 431 7.64 3.40 -1.76
CA VAL A 431 7.56 3.83 -3.14
C VAL A 431 6.31 3.22 -3.74
N PHE A 432 5.65 3.96 -4.61
CA PHE A 432 4.50 3.46 -5.36
C PHE A 432 4.94 3.07 -6.76
N THR A 433 4.25 2.09 -7.33
CA THR A 433 4.68 1.63 -8.64
C THR A 433 4.46 2.66 -9.73
N SER A 434 3.68 3.71 -9.47
CA SER A 434 3.45 4.74 -10.46
C SER A 434 4.63 5.68 -10.60
N THR A 435 5.54 5.70 -9.64
CA THR A 435 6.73 6.53 -9.70
C THR A 435 7.99 5.76 -10.05
N ILE A 436 7.90 4.45 -10.20
CA ILE A 436 9.08 3.65 -10.56
C ILE A 436 9.37 3.87 -12.03
N PRO A 437 10.57 4.33 -12.39
CA PRO A 437 10.86 4.59 -13.80
C PRO A 437 10.73 3.34 -14.64
N ASN A 438 10.24 3.52 -15.86
CA ASN A 438 9.97 2.45 -16.81
C ASN A 438 8.90 1.50 -16.34
N VAL A 439 8.13 1.90 -15.34
CA VAL A 439 6.97 1.13 -14.90
C VAL A 439 5.77 2.06 -15.00
N TRP A 440 5.76 3.11 -14.17
CA TRP A 440 4.83 4.23 -14.28
C TRP A 440 3.37 3.78 -14.34
N THR A 441 3.05 2.71 -13.64
CA THR A 441 1.68 2.21 -13.65
C THR A 441 1.29 1.77 -12.26
N SER A 442 -0.01 1.82 -11.98
CA SER A 442 -0.57 1.27 -10.76
C SER A 442 -0.92 -0.20 -10.97
N MET A 443 -0.97 -0.94 -9.88
CA MET A 443 -1.09 -2.39 -9.95
C MET A 443 -2.05 -2.90 -8.89
N ASP A 444 -2.61 -4.08 -9.16
CA ASP A 444 -3.39 -4.76 -8.14
C ASP A 444 -2.47 -5.34 -7.08
N ASN A 445 -3.08 -6.04 -6.13
CA ASN A 445 -2.28 -6.78 -5.17
C ASN A 445 -1.63 -7.97 -5.83
N GLN A 446 -2.27 -8.53 -6.84
CA GLN A 446 -1.79 -9.72 -7.55
C GLN A 446 -0.88 -9.38 -8.72
N ALA A 447 -1.16 -8.30 -9.44
CA ALA A 447 -0.38 -7.94 -10.62
C ALA A 447 0.99 -7.40 -10.28
N ILE A 448 1.24 -7.03 -9.03
CA ILE A 448 2.56 -6.52 -8.67
C ILE A 448 3.62 -7.60 -8.77
N LEU A 449 3.22 -8.87 -8.81
CA LEU A 449 4.20 -9.95 -8.92
C LEU A 449 4.47 -10.34 -10.36
N TRP A 450 3.46 -10.37 -11.21
CA TRP A 450 3.64 -10.83 -12.57
C TRP A 450 3.75 -9.71 -13.60
N CYS A 451 3.67 -8.45 -13.18
CA CYS A 451 3.81 -7.34 -14.11
C CYS A 451 5.19 -7.40 -14.74
N ASP A 452 5.25 -7.25 -16.05
CA ASP A 452 6.51 -7.46 -16.76
C ASP A 452 7.49 -6.33 -16.49
N GLN A 453 7.03 -5.08 -16.57
CA GLN A 453 7.88 -3.94 -16.37
C GLN A 453 8.48 -3.96 -14.96
N PHE A 454 7.62 -4.12 -13.96
CA PHE A 454 8.07 -4.10 -12.58
C PHE A 454 8.98 -5.26 -12.28
N ARG A 455 8.69 -6.42 -12.88
CA ARG A 455 9.55 -7.58 -12.72
C ARG A 455 10.97 -7.27 -13.17
N LYS A 456 11.11 -6.66 -14.34
CA LYS A 456 12.44 -6.31 -14.83
C LYS A 456 13.12 -5.32 -13.90
N VAL A 457 12.38 -4.31 -13.44
CA VAL A 457 12.98 -3.28 -12.59
C VAL A 457 13.49 -3.88 -11.29
N ILE A 458 12.67 -4.71 -10.65
CA ILE A 458 13.07 -5.25 -9.35
C ILE A 458 14.24 -6.19 -9.50
N ILE A 459 14.30 -6.95 -10.59
CA ILE A 459 15.44 -7.84 -10.77
C ILE A 459 16.72 -7.05 -11.02
N ARG A 460 16.62 -5.96 -11.79
CA ARG A 460 17.80 -5.12 -11.98
C ARG A 460 18.29 -4.53 -10.66
N ALA A 461 17.36 -4.07 -9.82
CA ALA A 461 17.74 -3.53 -8.52
C ALA A 461 18.38 -4.60 -7.65
N LEU A 462 17.83 -5.81 -7.66
CA LEU A 462 18.39 -6.89 -6.85
C LEU A 462 19.77 -7.29 -7.35
N PHE A 463 20.00 -7.25 -8.65
CA PHE A 463 21.32 -7.58 -9.18
C PHE A 463 22.33 -6.47 -8.96
N ASP A 464 21.88 -5.24 -8.70
CA ASP A 464 22.82 -4.17 -8.40
C ASP A 464 23.23 -4.11 -6.93
N ILE A 465 22.66 -4.93 -6.06
CA ILE A 465 23.05 -4.92 -4.65
C ILE A 465 23.85 -6.14 -4.24
N VAL A 466 23.80 -7.24 -4.98
CA VAL A 466 24.45 -8.46 -4.52
C VAL A 466 25.96 -8.32 -4.60
N ASP A 467 26.64 -8.98 -3.67
CA ASP A 467 28.10 -8.94 -3.57
C ASP A 467 28.51 -10.24 -2.87
N VAL A 468 28.89 -11.25 -3.65
CA VAL A 468 29.25 -12.54 -3.07
C VAL A 468 30.61 -12.53 -2.42
N HIS A 469 31.35 -11.44 -2.50
CA HIS A 469 32.61 -11.32 -1.79
C HIS A 469 32.42 -10.99 -0.31
N ARG A 470 31.21 -10.63 0.09
CA ARG A 470 30.86 -10.39 1.48
C ARG A 470 29.97 -11.52 1.96
N ALA A 471 30.18 -11.94 3.21
CA ALA A 471 29.42 -13.06 3.74
C ALA A 471 27.93 -12.76 3.75
N SER A 472 27.55 -11.55 4.14
CA SER A 472 26.22 -11.06 3.82
C SER A 472 26.20 -10.68 2.36
N GLN A 473 25.39 -11.37 1.57
CA GLN A 473 25.61 -11.36 0.13
C GLN A 473 25.09 -10.09 -0.53
N THR A 474 25.42 -8.93 0.04
CA THR A 474 24.91 -7.66 -0.46
C THR A 474 25.95 -6.59 -0.19
N LYS A 475 25.79 -5.46 -0.87
CA LYS A 475 26.63 -4.31 -0.64
C LYS A 475 26.29 -3.68 0.70
N PRO A 476 27.17 -2.84 1.25
CA PRO A 476 26.86 -2.17 2.52
C PRO A 476 25.56 -1.39 2.45
N ARG A 477 25.06 -1.02 3.62
CA ARG A 477 23.71 -0.48 3.75
C ARG A 477 23.54 0.79 2.93
N ALA A 478 24.51 1.70 2.99
CA ALA A 478 24.39 2.96 2.26
C ALA A 478 24.39 2.74 0.75
N GLN A 479 25.22 1.81 0.28
CA GLN A 479 25.24 1.52 -1.15
C GLN A 479 23.93 0.88 -1.60
N ARG A 480 23.37 -0.01 -0.78
CA ARG A 480 22.07 -0.57 -1.08
C ARG A 480 21.01 0.51 -1.16
N MET A 481 21.03 1.45 -0.23
CA MET A 481 20.05 2.52 -0.27
C MET A 481 20.20 3.37 -1.53
N ARG A 482 21.45 3.66 -1.91
CA ARG A 482 21.68 4.42 -3.12
C ARG A 482 21.17 3.69 -4.37
N VAL A 483 21.39 2.38 -4.43
CA VAL A 483 20.92 1.60 -5.57
C VAL A 483 19.41 1.53 -5.61
N PHE A 484 18.78 1.31 -4.46
CA PHE A 484 17.32 1.25 -4.41
C PHE A 484 16.71 2.58 -4.82
N LYS A 485 17.32 3.68 -4.37
CA LYS A 485 16.85 5.00 -4.80
C LYS A 485 17.01 5.18 -6.30
N LYS A 486 18.11 4.69 -6.87
CA LYS A 486 18.32 4.82 -8.30
C LYS A 486 17.27 4.06 -9.10
N TRP A 487 16.94 2.85 -8.66
CA TRP A 487 16.08 1.98 -9.47
C TRP A 487 14.60 2.15 -9.20
N PHE A 488 14.21 2.58 -8.00
CA PHE A 488 12.80 2.67 -7.65
C PHE A 488 12.26 4.09 -7.62
N LEU A 489 13.10 5.09 -7.45
CA LEU A 489 12.65 6.46 -7.27
C LEU A 489 12.84 7.25 -8.56
N SER A 490 12.11 8.35 -8.65
CA SER A 490 12.09 9.15 -9.86
C SER A 490 13.38 9.91 -10.09
N GLY A 491 14.20 10.09 -9.05
CA GLY A 491 15.40 10.88 -9.15
C GLY A 491 15.20 12.36 -8.92
N MET A 492 13.96 12.81 -8.81
CA MET A 492 13.66 14.21 -8.55
C MET A 492 13.31 14.47 -7.09
N GLU A 493 13.60 13.51 -6.21
CA GLU A 493 13.33 13.67 -4.79
C GLU A 493 14.44 14.47 -4.12
N THR A 494 14.15 14.93 -2.91
CA THR A 494 15.16 15.63 -2.12
C THR A 494 16.27 14.68 -1.69
N VAL A 495 15.93 13.42 -1.42
CA VAL A 495 16.93 12.42 -1.05
C VAL A 495 17.74 11.91 -2.22
N ALA A 496 17.45 12.37 -3.44
CA ALA A 496 18.25 11.99 -4.59
C ALA A 496 19.65 12.55 -4.48
N GLU A 497 20.63 11.76 -4.92
CA GLU A 497 22.04 12.12 -4.85
C GLU A 497 22.58 12.39 -6.24
N LYS A 498 23.36 13.47 -6.37
CA LYS A 498 23.93 13.87 -7.65
C LYS A 498 25.40 13.46 -7.67
N ILE A 499 25.77 12.70 -8.69
CA ILE A 499 27.11 12.12 -8.77
C ILE A 499 28.04 12.96 -9.64
N ALA A 500 27.55 13.39 -10.80
CA ALA A 500 28.42 14.08 -11.76
C ALA A 500 29.08 15.35 -11.23
N PRO A 501 28.42 16.23 -10.46
CA PRO A 501 29.07 17.49 -10.10
C PRO A 501 30.40 17.31 -9.39
N THR A 502 30.53 16.30 -8.53
CA THR A 502 31.76 16.07 -7.78
C THR A 502 32.51 14.83 -8.24
N SER A 503 32.17 14.28 -9.39
CA SER A 503 32.82 13.08 -9.87
C SER A 503 34.14 13.40 -10.58
N ASP A 504 34.91 12.36 -10.86
CA ASP A 504 36.17 12.53 -11.56
C ASP A 504 35.92 12.83 -13.03
N PRO A 505 36.64 13.77 -13.62
CA PRO A 505 36.44 14.08 -15.05
C PRO A 505 36.76 12.88 -15.92
N THR A 506 35.99 12.72 -16.98
CA THR A 506 36.04 11.55 -17.83
C THR A 506 36.43 11.84 -19.26
N THR A 507 36.61 13.10 -19.62
CA THR A 507 36.89 13.47 -21.01
C THR A 507 37.57 14.82 -21.03
N LEU A 508 38.60 14.95 -21.86
CA LEU A 508 39.24 16.22 -22.12
C LEU A 508 38.79 16.71 -23.49
N LEU A 509 38.26 17.92 -23.54
CA LEU A 509 37.66 18.46 -24.76
C LEU A 509 38.49 19.63 -25.27
N ILE A 510 38.71 19.67 -26.58
CA ILE A 510 39.50 20.71 -27.22
C ILE A 510 38.56 21.56 -28.07
N VAL A 511 38.49 22.85 -27.76
CA VAL A 511 37.61 23.77 -28.47
C VAL A 511 38.37 25.04 -28.82
N ASP A 512 37.99 25.65 -29.94
CA ASP A 512 38.63 26.87 -30.40
C ASP A 512 38.31 28.04 -29.49
N ASP A 513 39.20 29.03 -29.48
CA ASP A 513 38.99 30.22 -28.67
C ASP A 513 38.03 31.21 -29.32
N LYS A 514 37.58 30.93 -30.55
CA LYS A 514 36.69 31.84 -31.25
C LYS A 514 35.33 31.97 -30.57
N SER A 515 35.02 31.07 -29.62
CA SER A 515 33.79 31.12 -28.83
C SER A 515 32.54 30.99 -29.69
N ASP A 516 32.66 30.31 -30.82
CA ASP A 516 31.46 29.96 -31.59
C ASP A 516 30.59 28.99 -30.81
N SER A 517 31.22 28.04 -30.11
CA SER A 517 30.47 27.11 -29.27
C SER A 517 29.90 27.80 -28.04
N ILE A 518 30.67 28.70 -27.43
CA ILE A 518 30.26 29.33 -26.18
C ILE A 518 29.15 30.33 -26.47
N THR A 519 27.98 30.11 -25.88
CA THR A 519 26.82 30.96 -26.10
C THR A 519 26.72 32.01 -25.00
N ALA A 520 25.86 33.00 -25.25
CA ALA A 520 25.65 34.03 -24.25
C ALA A 520 24.81 33.50 -23.10
N GLU A 521 25.08 33.98 -21.89
CA GLU A 521 24.31 33.56 -20.74
C GLU A 521 22.86 34.02 -20.87
N GLY A 522 21.95 33.22 -20.35
CA GLY A 522 20.54 33.53 -20.40
C GLY A 522 19.83 33.10 -21.66
N GLU A 523 20.50 32.36 -22.54
CA GLU A 523 19.88 31.85 -23.76
C GLU A 523 19.65 30.36 -23.62
N ARG A 524 18.42 29.91 -23.86
CA ARG A 524 18.15 28.49 -23.82
C ARG A 524 18.70 27.83 -25.08
N LEU A 525 19.26 26.64 -24.92
CA LEU A 525 19.78 25.86 -26.03
C LEU A 525 18.66 24.98 -26.57
N VAL A 526 18.26 25.22 -27.81
CA VAL A 526 17.23 24.41 -28.46
C VAL A 526 17.83 23.82 -29.72
N LEU A 527 17.81 22.49 -29.80
CA LEU A 527 18.26 21.76 -30.98
C LEU A 527 17.03 21.06 -31.54
N ARG A 528 16.48 21.60 -32.64
CA ARG A 528 15.31 20.99 -33.26
C ARG A 528 15.65 19.63 -33.85
N GLU A 529 16.78 19.52 -34.53
CA GLU A 529 17.25 18.26 -35.09
C GLU A 529 18.70 18.04 -34.69
N LEU A 530 19.11 16.77 -34.70
CA LEU A 530 20.49 16.41 -34.38
C LEU A 530 21.21 16.07 -35.67
N GLY A 531 22.37 16.68 -35.87
CA GLY A 531 23.16 16.40 -37.05
C GLY A 531 22.89 17.31 -38.23
N THR A 532 22.68 18.60 -37.98
CA THR A 532 22.49 19.53 -39.09
C THR A 532 23.81 19.85 -39.79
N GLN A 533 24.88 20.04 -39.01
CA GLN A 533 26.15 20.48 -39.59
C GLN A 533 26.86 19.34 -40.32
N GLY A 534 26.80 18.14 -39.78
CA GLY A 534 27.51 17.01 -40.36
C GLY A 534 28.84 16.69 -39.71
N SER A 535 29.15 17.32 -38.59
CA SER A 535 30.36 17.04 -37.84
C SER A 535 30.03 17.04 -36.36
N VAL A 536 30.92 16.47 -35.55
CA VAL A 536 30.75 16.52 -34.11
C VAL A 536 30.81 17.97 -33.66
N ARG A 537 29.80 18.39 -32.93
CA ARG A 537 29.68 19.76 -32.46
C ARG A 537 29.73 19.81 -30.94
N ALA A 538 30.12 20.96 -30.41
CA ALA A 538 30.05 21.22 -28.99
C ALA A 538 29.24 22.49 -28.78
N HIS A 539 28.22 22.41 -27.93
CA HIS A 539 27.49 23.57 -27.47
C HIS A 539 27.83 23.76 -26.01
N LEU A 540 28.57 24.81 -25.71
CA LEU A 540 28.99 25.11 -24.34
C LEU A 540 28.09 26.20 -23.79
N MET A 541 27.40 25.90 -22.69
CA MET A 541 26.55 26.87 -22.04
C MET A 541 27.23 27.34 -20.76
N PRO A 542 27.62 28.62 -20.66
CA PRO A 542 28.28 29.09 -19.45
C PRO A 542 27.33 29.06 -18.25
N ILE A 543 27.86 28.61 -17.12
CA ILE A 543 27.10 28.56 -15.88
C ILE A 543 27.11 29.95 -15.23
N PRO A 544 25.96 30.52 -14.91
CA PRO A 544 25.93 31.86 -14.31
C PRO A 544 26.60 31.86 -12.95
N PRO A 545 27.18 32.99 -12.56
CA PRO A 545 27.81 33.08 -11.24
C PRO A 545 26.77 33.01 -10.13
N PRO A 546 27.13 32.48 -8.97
CA PRO A 546 26.15 32.34 -7.87
C PRO A 546 25.88 33.63 -7.11
N GLY A 547 26.29 34.78 -7.63
CA GLY A 547 26.13 36.02 -6.89
C GLY A 547 24.68 36.38 -6.63
N SER A 548 23.80 36.05 -7.57
CA SER A 548 22.39 36.40 -7.45
C SER A 548 21.76 35.67 -6.26
N PRO A 549 21.02 36.37 -5.39
CA PRO A 549 20.43 35.68 -4.23
C PRO A 549 19.42 34.61 -4.59
N GLU A 550 18.70 34.78 -5.70
CA GLU A 550 17.66 33.82 -6.05
C GLU A 550 18.25 32.46 -6.43
N LEU A 551 17.56 31.40 -6.04
CA LEU A 551 17.97 30.05 -6.42
C LEU A 551 17.76 29.81 -7.91
N LYS A 552 18.74 29.20 -8.54
CA LYS A 552 18.69 28.93 -9.98
C LYS A 552 18.95 27.46 -10.23
N ARG A 553 18.37 26.96 -11.32
CA ARG A 553 18.46 25.57 -11.70
C ARG A 553 18.86 25.46 -13.16
N PHE A 554 19.60 24.41 -13.49
CA PHE A 554 19.86 24.02 -14.87
C PHE A 554 19.00 22.82 -15.19
N THR A 555 18.20 22.92 -16.24
CA THR A 555 17.33 21.83 -16.67
C THR A 555 17.61 21.53 -18.14
N LEU A 556 17.79 20.25 -18.44
CA LEU A 556 17.96 19.77 -19.81
C LEU A 556 16.95 18.67 -20.05
N LEU A 557 16.25 18.74 -21.17
CA LEU A 557 15.33 17.69 -21.60
C LEU A 557 15.66 17.29 -23.02
N THR A 558 15.79 15.99 -23.26
CA THR A 558 16.01 15.46 -24.59
C THR A 558 15.28 14.14 -24.70
N ASP A 559 14.91 13.78 -25.93
CA ASP A 559 14.32 12.49 -26.21
C ASP A 559 15.35 11.47 -26.67
N THR A 560 16.61 11.87 -26.79
CA THR A 560 17.68 11.02 -27.26
C THR A 560 18.46 10.47 -26.08
N LYS A 561 18.86 9.21 -26.19
CA LYS A 561 19.62 8.58 -25.11
C LYS A 561 20.97 9.25 -24.96
N LEU A 562 21.34 9.56 -23.73
CA LEU A 562 22.62 10.22 -23.46
C LEU A 562 23.74 9.19 -23.37
N ASP A 563 24.88 9.52 -23.98
CA ASP A 563 26.00 8.61 -24.02
C ASP A 563 26.63 8.43 -22.64
N LYS A 564 26.95 7.19 -22.31
CA LYS A 564 27.77 6.91 -21.14
C LYS A 564 29.22 7.31 -21.45
N PRO A 565 30.04 7.51 -20.42
CA PRO A 565 31.44 7.87 -20.67
C PRO A 565 32.15 6.80 -21.48
N GLY A 566 33.00 7.24 -22.39
CA GLY A 566 33.69 6.33 -23.28
C GLY A 566 32.77 5.59 -24.24
N GLU A 567 31.81 6.29 -24.84
CA GLU A 567 30.84 5.68 -25.73
C GLU A 567 30.48 6.68 -26.83
N ASN A 568 30.55 6.23 -28.07
CA ASN A 568 30.19 7.08 -29.21
C ASN A 568 28.76 6.77 -29.60
N GLY A 569 27.87 7.71 -29.33
CA GLY A 569 26.47 7.56 -29.68
C GLY A 569 25.97 8.72 -30.50
N LYS A 570 24.83 9.28 -30.09
CA LYS A 570 24.21 10.36 -30.84
C LYS A 570 24.32 11.69 -30.11
N LEU A 571 24.49 11.66 -28.79
CA LEU A 571 24.45 12.86 -27.97
C LEU A 571 25.15 12.61 -26.65
N GLU A 572 25.90 13.60 -26.19
CA GLU A 572 26.60 13.49 -24.91
C GLU A 572 26.58 14.83 -24.19
N VAL A 573 26.19 14.80 -22.93
CA VAL A 573 26.11 16.00 -22.10
C VAL A 573 27.10 15.85 -20.96
N MET A 574 27.81 16.93 -20.65
CA MET A 574 28.90 16.82 -19.69
C MET A 574 29.20 18.20 -19.10
N PHE A 575 29.59 18.19 -17.83
CA PHE A 575 29.99 19.39 -17.12
C PHE A 575 31.47 19.63 -17.34
N CYS A 576 31.82 20.79 -17.87
CA CYS A 576 33.20 21.08 -18.24
C CYS A 576 33.78 22.15 -17.34
N SER A 577 35.02 21.93 -16.92
CA SER A 577 35.78 22.89 -16.12
C SER A 577 37.06 23.26 -16.87
N VAL A 578 37.41 24.53 -16.83
CA VAL A 578 38.53 25.02 -17.63
C VAL A 578 39.84 24.50 -17.06
N ILE A 579 40.65 23.88 -17.95
CA ILE A 579 41.98 23.37 -17.53
C ILE A 579 42.97 24.54 -17.54
N PRO A 580 43.80 24.74 -16.49
CA PRO A 580 44.73 25.87 -16.43
C PRO A 580 45.72 25.81 -17.60
N SER A 581 45.98 26.95 -18.24
CA SER A 581 46.96 26.99 -19.36
C SER A 581 48.32 26.49 -18.86
N GLN A 582 48.73 26.92 -17.67
CA GLN A 582 50.00 26.44 -17.08
C GLN A 582 49.87 24.95 -16.75
N PRO A 583 50.95 24.15 -16.87
CA PRO A 583 50.86 22.71 -16.62
C PRO A 583 50.74 22.44 -15.11
N ASN A 584 49.59 22.76 -14.53
CA ASN A 584 49.36 22.54 -13.07
C ASN A 584 49.50 21.04 -12.77
N PRO A 585 50.16 20.66 -11.65
CA PRO A 585 50.38 19.24 -11.33
C PRO A 585 49.03 18.52 -11.15
N THR A 586 48.89 17.34 -11.77
CA THR A 586 47.63 16.56 -11.66
C THR A 586 47.89 15.11 -12.06
N GLY A 587 46.85 14.27 -12.06
CA GLY A 587 47.02 12.89 -12.44
C GLY A 587 47.25 12.75 -13.93
N PRO A 588 47.60 11.52 -14.36
CA PRO A 588 47.76 11.28 -15.81
C PRO A 588 46.48 11.42 -16.60
N ALA A 589 45.31 11.35 -15.96
CA ALA A 589 44.02 11.38 -16.65
C ALA A 589 43.95 10.28 -17.71
N ILE A 590 44.41 9.09 -17.35
CA ILE A 590 44.39 7.93 -18.25
C ILE A 590 42.96 7.57 -18.65
N PRO A 591 41.99 7.53 -17.73
CA PRO A 591 40.59 7.35 -18.18
C PRO A 591 40.10 8.49 -19.06
N SER A 592 40.60 9.71 -18.83
CA SER A 592 40.13 10.85 -19.61
C SER A 592 40.45 10.67 -21.08
N GLN A 593 39.40 10.63 -21.90
CA GLN A 593 39.53 10.51 -23.34
C GLN A 593 39.57 11.88 -23.98
N LEU A 594 39.96 11.92 -25.24
CA LEU A 594 40.14 13.16 -25.96
C LEU A 594 39.02 13.36 -26.99
N ASP A 595 38.69 14.63 -27.23
CA ASP A 595 37.67 14.99 -28.21
C ASP A 595 38.13 16.28 -28.88
N LEU A 596 38.73 16.15 -30.05
CA LEU A 596 39.27 17.31 -30.76
C LEU A 596 38.17 17.98 -31.57
N SER A 597 37.85 19.23 -31.20
CA SER A 597 36.83 19.98 -31.91
C SER A 597 37.24 21.40 -32.25
N LYS A 598 38.48 21.76 -31.93
CA LYS A 598 38.94 23.17 -32.14
C LYS A 598 39.39 23.37 -33.59
N GLY A 599 40.54 22.81 -33.97
CA GLY A 599 41.07 23.04 -35.32
C GLY A 599 41.59 24.46 -35.45
N ASN A 600 41.74 25.15 -34.31
CA ASN A 600 42.22 26.56 -34.30
C ASN A 600 43.33 26.70 -33.26
N ALA A 601 44.05 27.84 -33.28
CA ALA A 601 45.17 28.05 -32.34
C ALA A 601 44.66 27.97 -30.89
N GLY A 602 43.45 28.47 -30.62
CA GLY A 602 42.94 28.48 -29.25
C GLY A 602 43.02 27.11 -28.60
N THR A 603 42.41 26.10 -29.23
CA THR A 603 42.50 24.71 -28.70
C THR A 603 42.21 24.70 -27.19
N THR A 604 41.27 25.56 -26.75
CA THR A 604 40.92 25.62 -25.30
C THR A 604 40.77 24.21 -24.74
N ARG A 605 41.42 23.93 -23.61
CA ARG A 605 41.34 22.60 -23.01
C ARG A 605 40.33 22.59 -21.88
N LEU A 606 39.44 21.60 -21.90
CA LEU A 606 38.38 21.49 -20.90
C LEU A 606 38.39 20.09 -20.33
N ALA A 607 38.38 19.98 -19.01
CA ALA A 607 38.17 18.70 -18.35
C ALA A 607 36.68 18.54 -18.05
N CYS A 608 36.07 17.48 -18.55
CA CYS A 608 34.62 17.38 -18.57
C CYS A 608 34.14 16.06 -17.97
N THR A 609 33.07 16.14 -17.18
CA THR A 609 32.50 14.99 -16.50
C THR A 609 31.16 14.65 -17.13
N ASN A 610 31.02 13.41 -17.61
CA ASN A 610 29.77 12.97 -18.19
C ASN A 610 28.68 12.91 -17.13
N VAL A 611 27.48 13.37 -17.49
CA VAL A 611 26.38 13.51 -16.54
C VAL A 611 25.40 12.34 -16.62
N ALA A 612 25.74 11.29 -17.36
CA ALA A 612 24.92 10.10 -17.49
C ALA A 612 24.54 9.46 -16.15
N PRO A 613 25.41 9.47 -15.12
CA PRO A 613 24.98 8.92 -13.83
C PRO A 613 23.71 9.53 -13.27
N ASP A 614 23.46 10.82 -13.50
CA ASP A 614 22.38 11.54 -12.84
C ASP A 614 21.21 11.85 -13.77
N VAL A 615 21.00 11.02 -14.78
CA VAL A 615 19.93 11.26 -15.74
C VAL A 615 18.61 10.79 -15.16
N ILE A 616 17.60 11.64 -15.23
CA ILE A 616 16.26 11.33 -14.75
C ILE A 616 15.45 10.84 -15.95
N THR A 617 14.88 9.66 -15.86
CA THR A 617 14.10 9.09 -16.94
C THR A 617 12.65 9.51 -16.80
N LEU A 618 12.19 10.23 -17.84
CA LEU A 618 10.80 10.72 -17.85
C LEU A 618 10.01 9.99 -18.94
N PRO A 619 8.73 9.63 -18.68
CA PRO A 619 7.88 9.01 -19.68
C PRO A 619 7.88 9.93 -20.89
N ALA A 620 7.77 9.36 -22.08
CA ALA A 620 7.83 10.14 -23.33
C ALA A 620 6.46 10.76 -23.61
N SER A 621 6.39 12.09 -23.63
CA SER A 621 5.11 12.81 -23.87
C SER A 621 5.07 13.29 -25.32
N THR A 622 4.87 12.37 -26.27
CA THR A 622 4.70 12.75 -27.69
C THR A 622 3.20 12.96 -27.90
N ARG A 623 2.78 13.42 -29.07
CA ARG A 623 1.34 13.71 -29.24
C ARG A 623 0.60 12.47 -29.73
N PHE A 624 1.24 11.31 -29.67
CA PHE A 624 0.63 10.03 -30.08
C PHE A 624 0.65 9.10 -28.87
N ALA A 625 0.98 9.60 -27.69
CA ALA A 625 1.06 8.84 -26.46
C ALA A 625 -0.14 9.17 -25.58
N ARG A 626 -0.68 8.14 -24.93
CA ARG A 626 -1.82 8.32 -24.04
C ARG A 626 -1.48 8.00 -22.60
N PHE A 627 -0.57 7.09 -22.34
CA PHE A 627 -0.22 6.67 -21.00
C PHE A 627 1.29 6.61 -20.88
N PRO A 628 1.84 6.76 -19.67
CA PRO A 628 3.29 6.68 -19.50
C PRO A 628 3.86 5.33 -19.88
N PHE A 629 3.03 4.30 -19.92
CA PHE A 629 3.44 2.94 -20.21
C PHE A 629 2.92 2.53 -21.58
N SER A 630 3.12 1.26 -21.90
CA SER A 630 2.51 0.65 -23.08
C SER A 630 2.43 -0.83 -22.77
N VAL A 631 1.22 -1.40 -22.82
CA VAL A 631 1.06 -2.82 -22.52
C VAL A 631 1.76 -3.66 -23.56
N ARG A 632 1.76 -3.23 -24.82
CA ARG A 632 2.49 -3.91 -25.88
C ARG A 632 3.93 -3.43 -25.88
N LYS A 633 4.86 -4.38 -25.84
CA LYS A 633 6.28 -4.00 -25.80
C LYS A 633 6.71 -3.36 -27.11
N GLU A 634 6.09 -3.74 -28.23
CA GLU A 634 6.47 -3.20 -29.52
C GLU A 634 6.11 -1.74 -29.67
N ALA A 635 5.08 -1.26 -28.99
CA ALA A 635 4.62 0.11 -29.10
C ALA A 635 5.24 1.03 -28.06
N GLU A 636 6.18 0.54 -27.27
CA GLU A 636 6.79 1.37 -26.25
C GLU A 636 7.64 2.46 -26.90
N ILE A 637 7.44 3.69 -26.46
CA ILE A 637 8.24 4.83 -26.93
C ILE A 637 9.46 4.95 -26.04
N PRO A 638 10.66 5.06 -26.58
CA PRO A 638 11.85 5.28 -25.76
C PRO A 638 11.70 6.55 -24.94
N PRO A 639 11.96 6.49 -23.64
CA PRO A 639 11.61 7.59 -22.75
C PRO A 639 12.55 8.79 -22.93
N PHE A 640 12.11 9.91 -22.37
CA PHE A 640 12.87 11.15 -22.39
C PHE A 640 13.98 11.11 -21.34
N SER A 641 14.97 11.98 -21.53
CA SER A 641 16.09 12.14 -20.60
C SER A 641 16.04 13.54 -20.02
N TYR A 642 16.16 13.63 -18.70
CA TYR A 642 16.00 14.90 -18.00
C TYR A 642 17.13 15.09 -17.01
N LEU A 643 17.68 16.30 -16.97
CA LEU A 643 18.68 16.69 -16.01
C LEU A 643 18.17 17.88 -15.24
N GLU A 644 18.29 17.85 -13.92
CA GLU A 644 17.91 18.98 -13.06
C GLU A 644 18.99 19.15 -12.02
N TYR A 645 19.60 20.33 -11.99
CA TYR A 645 20.66 20.63 -11.05
C TYR A 645 20.44 22.00 -10.42
N VAL A 646 20.72 22.10 -9.14
CA VAL A 646 20.79 23.40 -8.48
C VAL A 646 22.12 24.04 -8.82
N LEU A 647 22.12 25.37 -8.96
CA LEU A 647 23.32 26.08 -9.38
C LEU A 647 24.46 25.90 -8.40
N ASP A 648 24.15 25.77 -7.10
CA ASP A 648 25.21 25.59 -6.13
C ASP A 648 25.91 24.24 -6.30
N ASP A 649 25.20 23.23 -6.80
CA ASP A 649 25.83 21.93 -7.01
C ASP A 649 26.92 22.01 -8.07
N ILE A 650 26.66 22.75 -9.15
CA ILE A 650 27.55 22.75 -10.31
C ILE A 650 28.29 24.07 -10.47
N SER A 651 28.29 24.91 -9.44
CA SER A 651 28.98 26.19 -9.54
C SER A 651 30.49 26.04 -9.69
N GLU A 652 31.05 24.92 -9.21
CA GLU A 652 32.48 24.70 -9.36
C GLU A 652 32.90 24.50 -10.81
N HIS A 653 31.95 24.22 -11.71
CA HIS A 653 32.24 24.04 -13.12
C HIS A 653 32.06 25.36 -13.87
N GLN A 654 32.48 25.35 -15.14
CA GLN A 654 32.42 26.54 -15.96
C GLN A 654 31.44 26.45 -17.11
N PHE A 655 31.12 25.24 -17.58
CA PHE A 655 30.26 25.09 -18.75
C PHE A 655 29.45 23.81 -18.62
N VAL A 656 28.36 23.75 -19.39
CA VAL A 656 27.65 22.52 -19.67
C VAL A 656 27.81 22.27 -21.16
N ALA A 657 28.48 21.19 -21.52
CA ALA A 657 28.78 20.89 -22.91
C ALA A 657 27.75 19.87 -23.42
N VAL A 658 26.99 20.28 -24.42
CA VAL A 658 26.06 19.39 -25.11
C VAL A 658 26.75 18.99 -26.40
N ILE A 659 27.35 17.81 -26.41
CA ILE A 659 28.14 17.34 -27.55
C ILE A 659 27.22 16.64 -28.51
N GLU A 660 26.93 17.28 -29.64
CA GLU A 660 26.08 16.71 -30.67
C GLU A 660 26.96 15.90 -31.62
N LYS A 661 26.99 14.58 -31.43
CA LYS A 661 27.86 13.70 -32.19
C LYS A 661 27.25 13.23 -33.51
N ALA A 662 25.97 13.46 -33.73
CA ALA A 662 25.34 13.03 -34.97
C ALA A 662 25.83 13.87 -36.14
N THR A 663 25.99 13.24 -37.30
CA THR A 663 26.41 13.92 -38.51
C THR A 663 25.27 14.10 -39.51
N ILE A 664 24.60 13.03 -39.90
CA ILE A 664 23.45 13.13 -40.78
C ILE A 664 22.25 13.61 -39.96
N PRO A 665 21.32 14.36 -40.54
CA PRO A 665 20.18 14.85 -39.76
C PRO A 665 19.28 13.72 -39.27
N THR A 666 19.27 13.52 -37.95
CA THR A 666 18.45 12.48 -37.34
C THR A 666 17.45 13.11 -36.38
N PRO A 667 16.28 12.52 -36.23
CA PRO A 667 15.28 13.09 -35.33
C PRO A 667 15.79 13.14 -33.90
N GLY A 668 15.42 14.20 -33.19
CA GLY A 668 15.83 14.37 -31.81
C GLY A 668 15.87 15.82 -31.42
N PHE A 669 15.48 16.13 -30.20
CA PHE A 669 15.50 17.51 -29.71
C PHE A 669 16.27 17.58 -28.41
N VAL A 670 16.85 18.74 -28.15
CA VAL A 670 17.51 19.03 -26.88
C VAL A 670 17.09 20.43 -26.45
N ILE A 671 16.55 20.55 -25.25
CA ILE A 671 16.25 21.84 -24.64
C ILE A 671 17.02 21.92 -23.33
N ALA A 672 17.88 22.92 -23.20
CA ALA A 672 18.62 23.14 -21.97
C ALA A 672 18.56 24.63 -21.62
N GLU A 673 18.43 24.93 -20.34
CA GLU A 673 18.34 26.32 -19.92
C GLU A 673 18.57 26.41 -18.42
N PHE A 674 18.90 27.62 -17.98
CA PHE A 674 18.94 27.97 -16.57
C PHE A 674 17.73 28.84 -16.27
N SER A 675 17.05 28.57 -15.16
CA SER A 675 15.84 29.29 -14.81
C SER A 675 15.88 29.70 -13.35
N ASP A 676 15.18 30.78 -13.04
CA ASP A 676 15.08 31.28 -11.67
C ASP A 676 13.95 30.58 -10.95
N HIS A 677 14.15 30.33 -9.66
CA HIS A 677 13.11 29.66 -8.87
C HIS A 677 11.83 30.45 -8.85
N SER A 678 11.91 31.78 -8.91
CA SER A 678 10.72 32.61 -8.91
C SER A 678 9.88 32.36 -10.15
N ASN A 679 10.52 32.20 -11.30
CA ASN A 679 9.81 32.07 -12.56
C ASN A 679 9.20 30.69 -12.76
N SER A 680 9.79 29.66 -12.15
CA SER A 680 9.36 28.30 -12.40
C SER A 680 8.43 27.74 -11.34
N HIS A 681 8.55 28.17 -10.09
CA HIS A 681 7.80 27.58 -9.00
C HIS A 681 6.71 28.51 -8.52
N HIS A 682 5.47 28.01 -8.49
CA HIS A 682 4.31 28.74 -8.02
C HIS A 682 3.65 27.97 -6.90
N THR A 683 3.27 28.67 -5.85
CA THR A 683 2.54 28.09 -4.73
C THR A 683 1.21 28.81 -4.61
N ARG A 684 0.15 28.04 -4.46
CA ARG A 684 -1.20 28.58 -4.30
C ARG A 684 -1.63 28.30 -2.87
N HIS A 685 -1.57 29.34 -2.03
CA HIS A 685 -2.01 29.24 -0.64
C HIS A 685 -3.50 29.51 -0.62
N ILE A 686 -4.28 28.49 -0.90
CA ILE A 686 -5.74 28.58 -0.91
C ILE A 686 -6.26 27.56 0.09
N GLY A 687 -7.18 27.98 0.95
CA GLY A 687 -7.71 27.07 1.95
C GLY A 687 -8.48 25.93 1.32
N LEU A 688 -8.72 24.89 2.11
CA LEU A 688 -9.47 23.75 1.61
C LEU A 688 -10.91 24.12 1.32
N ARG A 689 -11.51 25.01 2.13
CA ARG A 689 -12.89 25.41 1.88
C ARG A 689 -13.02 26.14 0.55
N ASN A 690 -12.14 27.12 0.30
CA ASN A 690 -12.21 27.85 -0.96
C ASN A 690 -11.87 26.96 -2.14
N LEU A 691 -10.91 26.06 -1.97
CA LEU A 691 -10.56 25.14 -3.04
C LEU A 691 -11.71 24.22 -3.39
N LEU A 692 -12.40 23.69 -2.38
CA LEU A 692 -13.54 22.83 -2.65
C LEU A 692 -14.71 23.62 -3.21
N THR A 693 -14.84 24.89 -2.85
CA THR A 693 -15.93 25.71 -3.36
C THR A 693 -15.67 26.15 -4.80
N PHE A 694 -14.56 26.85 -5.03
CA PHE A 694 -14.30 27.47 -6.31
C PHE A 694 -13.30 26.72 -7.18
N GLY A 695 -12.42 25.93 -6.60
CA GLY A 695 -11.30 25.40 -7.34
C GLY A 695 -10.20 26.43 -7.46
N ILE A 696 -9.10 26.02 -8.07
CA ILE A 696 -7.96 26.89 -8.27
C ILE A 696 -7.58 26.88 -9.75
N SER A 697 -7.27 28.05 -10.28
CA SER A 697 -6.91 28.21 -11.68
C SER A 697 -5.66 29.08 -11.78
N LEU A 698 -4.71 28.65 -12.61
CA LEU A 698 -3.45 29.36 -12.81
C LEU A 698 -3.32 29.70 -14.28
N ARG A 699 -2.61 30.77 -14.57
CA ARG A 699 -2.28 31.05 -15.98
C ARG A 699 -0.77 31.23 -16.00
N LEU A 700 0.00 30.15 -15.95
CA LEU A 700 1.47 30.23 -16.06
C LEU A 700 1.75 30.98 -17.34
N PRO A 701 2.75 31.89 -17.41
CA PRO A 701 2.96 32.72 -18.60
C PRO A 701 3.68 32.00 -19.74
N SER A 702 3.72 32.60 -20.94
CA SER A 702 4.42 32.00 -22.10
C SER A 702 5.94 32.01 -21.85
N ASN A 703 6.45 33.06 -21.21
CA ASN A 703 7.91 33.15 -20.89
C ASN A 703 8.28 31.98 -19.97
N ARG A 704 7.27 31.27 -19.45
CA ARG A 704 7.51 30.12 -18.55
C ARG A 704 8.79 29.35 -18.93
N PRO A 705 9.56 28.82 -17.97
CA PRO A 705 10.71 27.98 -18.27
C PRO A 705 10.14 26.63 -18.71
N MET A 706 10.96 25.77 -19.31
CA MET A 706 10.47 24.47 -19.82
C MET A 706 9.77 23.72 -18.72
N MET A 707 10.30 23.78 -17.51
CA MET A 707 9.72 23.06 -16.39
C MET A 707 9.14 24.07 -15.41
N SER A 708 7.87 23.90 -15.07
CA SER A 708 7.19 24.71 -14.08
C SER A 708 6.61 23.82 -13.00
N GLU A 709 6.54 24.35 -11.79
CA GLU A 709 5.94 23.64 -10.67
C GLU A 709 4.81 24.46 -10.09
N VAL A 710 3.70 23.79 -9.77
CA VAL A 710 2.57 24.40 -9.09
C VAL A 710 2.29 23.57 -7.85
N ARG A 711 2.40 24.20 -6.69
CA ARG A 711 2.23 23.51 -5.41
C ARG A 711 0.98 24.04 -4.71
N ILE A 712 0.11 23.14 -4.30
CA ILE A 712 -1.05 23.51 -3.50
C ILE A 712 -0.88 22.87 -2.12
N PRO A 713 -0.38 23.61 -1.13
CA PRO A 713 -0.08 22.98 0.17
C PRO A 713 -1.31 22.46 0.89
N SER A 714 -2.51 22.88 0.51
CA SER A 714 -3.72 22.49 1.22
C SER A 714 -4.35 21.22 0.66
N VAL A 715 -3.72 20.58 -0.32
CA VAL A 715 -4.19 19.31 -0.85
C VAL A 715 -3.33 18.23 -0.22
N LYS A 716 -3.79 17.68 0.89
CA LYS A 716 -3.08 16.64 1.58
C LYS A 716 -3.88 15.36 1.77
N SER A 717 -5.20 15.46 1.87
CA SER A 717 -6.02 14.33 2.24
C SER A 717 -5.99 13.25 1.16
N SER A 718 -5.95 12.00 1.60
CA SER A 718 -6.12 10.87 0.71
C SER A 718 -7.58 10.60 0.37
N LEU A 719 -8.51 11.26 1.06
CA LEU A 719 -9.94 11.03 0.90
C LEU A 719 -10.59 11.94 -0.12
N LEU A 720 -9.86 12.90 -0.66
CA LEU A 720 -10.40 13.85 -1.63
C LEU A 720 -9.70 13.65 -2.97
N ALA A 721 -10.49 13.57 -4.03
CA ALA A 721 -9.99 13.41 -5.38
C ALA A 721 -10.39 14.62 -6.21
N TYR A 722 -9.55 14.97 -7.17
CA TYR A 722 -9.70 16.20 -7.93
C TYR A 722 -9.69 15.90 -9.41
N ASN A 723 -9.93 16.94 -10.20
CA ASN A 723 -9.81 16.88 -11.65
C ASN A 723 -8.90 18.02 -12.10
N LEU A 724 -7.87 17.67 -12.87
CA LEU A 724 -6.91 18.65 -13.36
C LEU A 724 -7.12 18.84 -14.85
N ARG A 725 -7.17 20.10 -15.28
CA ARG A 725 -7.28 20.45 -16.69
C ARG A 725 -6.12 21.35 -17.08
N ILE A 726 -5.47 21.01 -18.17
CA ILE A 726 -4.39 21.80 -18.73
C ILE A 726 -4.84 22.28 -20.10
N SER A 727 -4.74 23.59 -20.30
CA SER A 727 -5.21 24.21 -21.57
C SER A 727 -4.42 23.72 -22.76
N ALA A 728 -4.92 23.99 -23.97
CA ALA A 728 -4.27 23.60 -25.23
C ALA A 728 -3.08 24.50 -25.48
N LEU A 729 -1.92 23.90 -25.72
CA LEU A 729 -0.74 24.72 -26.08
C LEU A 729 -0.94 25.12 -27.55
N GLU A 730 -1.26 26.38 -27.79
CA GLU A 730 -1.56 26.81 -29.17
C GLU A 730 -0.26 27.13 -29.91
N CYS A 731 0.63 26.16 -30.06
CA CYS A 731 1.95 26.50 -30.68
C CYS A 731 1.67 27.23 -31.99
N SER A 732 2.19 28.44 -32.12
CA SER A 732 1.83 29.23 -33.34
C SER A 732 2.94 29.15 -34.38
N GLY A 733 2.62 28.64 -35.58
CA GLY A 733 3.57 28.62 -36.66
C GLY A 733 4.44 27.39 -36.75
N ARG A 734 4.38 26.51 -35.75
CA ARG A 734 5.25 25.34 -35.71
C ARG A 734 4.64 24.33 -34.75
N LYS A 735 4.89 23.05 -35.01
CA LYS A 735 4.56 22.05 -34.02
C LYS A 735 5.54 22.12 -32.86
N ASP A 736 5.06 21.73 -31.68
CA ASP A 736 5.92 21.74 -30.51
C ASP A 736 6.86 20.55 -30.52
N LEU A 737 8.00 20.71 -29.84
CA LEU A 737 9.00 19.65 -29.80
C LEU A 737 8.46 18.41 -29.09
N PHE A 738 7.64 18.60 -28.06
CA PHE A 738 7.03 17.48 -27.34
C PHE A 738 5.73 17.96 -26.73
N ALA A 739 4.87 17.00 -26.41
CA ALA A 739 3.59 17.31 -25.80
C ALA A 739 3.77 17.57 -24.31
N PRO A 740 2.87 18.34 -23.69
CA PRO A 740 3.01 18.63 -22.26
C PRO A 740 3.03 17.37 -21.41
N LEU A 741 3.90 17.38 -20.42
CA LEU A 741 4.04 16.28 -19.46
C LEU A 741 3.81 16.83 -18.06
N VAL A 742 2.94 16.19 -17.30
CA VAL A 742 2.61 16.59 -15.95
C VAL A 742 3.03 15.49 -14.99
N ARG A 743 3.70 15.87 -13.92
CA ARG A 743 4.06 14.95 -12.85
C ARG A 743 3.34 15.37 -11.57
N GLN A 744 2.29 14.65 -11.23
CA GLN A 744 1.55 14.81 -9.99
C GLN A 744 2.23 13.99 -8.90
N TYR A 745 2.80 14.68 -7.90
CA TYR A 745 3.65 13.96 -6.96
C TYR A 745 3.46 14.47 -5.54
N LEU A 746 3.82 13.61 -4.59
CA LEU A 746 3.81 13.92 -3.16
C LEU A 746 5.20 13.70 -2.59
N ALA A 747 5.60 14.57 -1.66
CA ALA A 747 6.91 14.43 -1.05
C ALA A 747 7.03 13.14 -0.26
N GLU A 748 6.00 12.79 0.50
CA GLU A 748 5.99 11.57 1.29
C GLU A 748 4.57 11.01 1.29
N PRO A 749 4.38 9.74 0.94
CA PRO A 749 5.42 8.83 0.48
C PRO A 749 5.78 9.14 -0.96
N TYR A 750 6.74 8.44 -1.53
CA TYR A 750 7.17 8.73 -2.90
C TYR A 750 6.10 8.21 -3.85
N GLU A 751 5.10 9.06 -4.09
CA GLU A 751 3.94 8.72 -4.89
C GLU A 751 3.81 9.74 -6.01
N SER A 752 4.38 9.42 -7.16
CA SER A 752 4.35 10.27 -8.33
C SER A 752 3.53 9.63 -9.43
N LYS A 753 2.77 10.44 -10.16
CA LYS A 753 1.96 9.96 -11.27
C LYS A 753 2.21 10.86 -12.47
N TYR A 754 2.40 10.27 -13.62
CA TYR A 754 2.74 10.99 -14.84
C TYR A 754 1.56 10.99 -15.79
N PHE A 755 1.32 12.12 -16.42
CA PHE A 755 0.26 12.28 -17.40
C PHE A 755 0.91 12.77 -18.70
N VAL A 756 1.12 11.87 -19.65
CA VAL A 756 1.72 12.24 -20.92
C VAL A 756 0.67 12.86 -21.81
N ASN A 757 1.05 13.87 -22.58
CA ASN A 757 0.11 14.65 -23.37
C ASN A 757 -1.05 15.13 -22.52
N ALA A 758 -0.72 15.85 -21.46
CA ALA A 758 -1.69 16.19 -20.44
C ALA A 758 -2.71 17.18 -20.95
N ARG A 759 -3.99 16.82 -20.85
CA ARG A 759 -5.06 17.80 -21.01
C ARG A 759 -6.09 17.63 -19.89
N GLN A 760 -6.28 16.41 -19.42
CA GLN A 760 -7.39 16.10 -18.52
C GLN A 760 -6.97 14.92 -17.66
N ALA A 761 -6.66 15.20 -16.39
CA ALA A 761 -6.10 14.18 -15.52
C ALA A 761 -6.92 14.05 -14.25
N ALA A 762 -7.11 12.81 -13.82
CA ALA A 762 -7.78 12.52 -12.55
C ALA A 762 -6.72 12.53 -11.45
N VAL A 763 -6.90 13.43 -10.48
CA VAL A 763 -5.89 13.67 -9.45
C VAL A 763 -6.39 13.00 -8.17
N SER A 764 -5.86 11.82 -7.89
CA SER A 764 -6.12 11.13 -6.63
C SER A 764 -4.78 10.79 -6.00
N LEU A 765 -4.64 11.12 -4.72
CA LEU A 765 -3.36 11.06 -4.04
C LEU A 765 -3.45 10.21 -2.78
N HIS A 766 -2.32 9.65 -2.39
CA HIS A 766 -2.19 8.90 -1.14
C HIS A 766 -1.46 9.80 -0.16
N GLY A 767 -2.21 10.65 0.52
CA GLY A 767 -1.63 11.57 1.48
C GLY A 767 -1.87 11.15 2.90
N VAL A 768 -2.58 11.99 3.65
CA VAL A 768 -2.84 11.75 5.07
C VAL A 768 -4.09 10.89 5.16
N ALA A 769 -3.89 9.61 5.37
CA ALA A 769 -4.94 8.61 5.46
C ALA A 769 -5.47 8.50 6.88
N PRO A 770 -6.70 8.00 7.04
CA PRO A 770 -7.33 8.01 8.37
C PRO A 770 -6.60 7.28 9.49
N TYR A 771 -6.40 5.97 9.40
CA TYR A 771 -6.02 5.21 10.58
C TYR A 771 -4.53 4.97 10.72
N VAL A 772 -3.71 5.59 9.87
CA VAL A 772 -2.28 5.33 9.85
C VAL A 772 -1.58 6.32 10.77
N PRO A 773 -0.36 6.03 11.24
CA PRO A 773 0.32 6.94 12.14
C PRO A 773 0.55 8.29 11.48
N PRO A 774 0.61 9.36 12.26
CA PRO A 774 0.67 10.69 11.67
C PRO A 774 1.98 10.91 10.95
N PRO A 775 1.99 11.73 9.90
CA PRO A 775 3.21 11.97 9.15
C PRO A 775 4.26 12.69 9.99
N MET A 776 5.52 12.42 9.67
CA MET A 776 6.62 13.06 10.37
C MET A 776 6.76 14.51 9.93
N SER A 777 7.52 15.28 10.71
CA SER A 777 7.70 16.70 10.43
C SER A 777 8.36 16.89 9.07
N ARG A 778 7.92 17.93 8.35
CA ARG A 778 8.46 18.21 7.04
C ARG A 778 8.51 19.72 6.82
N GLU A 779 9.34 20.12 5.87
CA GLU A 779 9.45 21.52 5.52
C GLU A 779 8.15 22.02 4.88
N PRO A 780 7.76 23.27 5.14
CA PRO A 780 6.55 23.80 4.49
C PRO A 780 6.65 23.87 2.97
N GLU A 781 7.84 23.72 2.41
CA GLU A 781 7.99 23.67 0.96
C GLU A 781 7.75 22.28 0.40
N ALA A 782 7.50 21.28 1.25
CA ALA A 782 7.25 19.92 0.80
C ALA A 782 5.91 19.40 1.32
N GLU A 783 5.00 20.28 1.69
CA GLU A 783 3.69 19.91 2.17
C GLU A 783 2.67 20.02 1.04
N GLY A 784 1.69 19.13 1.07
CA GLY A 784 0.62 19.19 0.10
C GLY A 784 1.02 18.60 -1.24
N LEU A 785 0.22 18.92 -2.24
CA LEU A 785 0.36 18.35 -3.58
C LEU A 785 1.02 19.35 -4.51
N ALA A 786 1.92 18.84 -5.34
CA ALA A 786 2.60 19.66 -6.34
C ALA A 786 2.45 19.02 -7.70
N PHE A 787 2.34 19.87 -8.72
CA PHE A 787 2.32 19.46 -10.11
C PHE A 787 3.55 19.99 -10.80
N GLN A 788 4.31 19.10 -11.42
CA GLN A 788 5.46 19.49 -12.22
C GLN A 788 5.06 19.41 -13.68
N LEU A 789 5.27 20.50 -14.41
CA LEU A 789 4.81 20.63 -15.79
C LEU A 789 5.99 20.85 -16.71
N TRP A 790 6.07 20.06 -17.78
CA TRP A 790 7.04 20.25 -18.84
C TRP A 790 6.29 20.61 -20.12
N THR A 791 6.60 21.77 -20.67
CA THR A 791 6.05 22.15 -21.97
C THR A 791 7.18 22.69 -22.83
N ASP A 792 6.94 22.68 -24.12
CA ASP A 792 7.89 23.28 -25.06
C ASP A 792 7.93 24.78 -24.81
N PRO A 793 9.09 25.35 -24.47
CA PRO A 793 9.13 26.79 -24.17
C PRO A 793 9.23 27.67 -25.40
N THR A 794 9.44 27.10 -26.57
CA THR A 794 9.63 27.90 -27.77
C THR A 794 8.31 28.24 -28.45
N CYS A 795 7.20 27.72 -27.95
CA CYS A 795 5.91 27.96 -28.61
C CYS A 795 5.41 29.36 -28.35
N ASN A 796 5.85 29.99 -27.26
CA ASN A 796 5.40 31.35 -26.91
C ASN A 796 3.88 31.40 -26.76
N SER A 797 3.33 30.49 -25.96
CA SER A 797 1.90 30.45 -25.70
C SER A 797 1.69 30.14 -24.22
N SER A 798 0.87 30.97 -23.56
CA SER A 798 0.59 30.74 -22.15
C SER A 798 -0.32 29.53 -21.98
N ILE A 799 -0.29 28.96 -20.79
CA ILE A 799 -0.99 27.72 -20.48
C ILE A 799 -1.84 27.97 -19.24
N GLN A 800 -2.97 27.29 -19.16
CA GLN A 800 -3.88 27.44 -18.03
C GLN A 800 -4.06 26.11 -17.31
N VAL A 801 -3.94 26.15 -15.99
CA VAL A 801 -4.08 24.96 -15.15
C VAL A 801 -5.28 25.17 -14.24
N ASP A 802 -6.26 24.28 -14.34
CA ASP A 802 -7.43 24.30 -13.49
C ASP A 802 -7.44 23.05 -12.61
N LEU A 803 -7.85 23.20 -11.36
CA LEU A 803 -7.99 22.08 -10.45
C LEU A 803 -9.30 22.23 -9.69
N THR A 804 -10.22 21.30 -9.89
CA THR A 804 -11.50 21.29 -9.21
C THR A 804 -11.70 19.95 -8.53
N VAL A 805 -12.63 19.90 -7.60
CA VAL A 805 -12.85 18.73 -6.77
C VAL A 805 -13.79 17.77 -7.49
N ASP A 806 -13.51 16.48 -7.34
CA ASP A 806 -14.34 15.40 -7.89
C ASP A 806 -15.15 14.84 -6.73
N VAL A 807 -16.45 15.19 -6.69
CA VAL A 807 -17.25 14.85 -5.53
C VAL A 807 -17.53 13.35 -5.46
N MET A 808 -17.88 12.74 -6.60
CA MET A 808 -18.17 11.31 -6.57
C MET A 808 -16.91 10.48 -6.43
N GLY A 809 -15.79 10.91 -7.01
CA GLY A 809 -14.54 10.21 -6.79
C GLY A 809 -14.09 10.32 -5.34
N SER A 810 -14.22 11.50 -4.75
CA SER A 810 -13.93 11.66 -3.33
C SER A 810 -14.81 10.76 -2.49
N LEU A 811 -16.09 10.65 -2.86
CA LEU A 811 -17.00 9.77 -2.13
C LEU A 811 -16.56 8.33 -2.23
N GLY A 812 -16.15 7.89 -3.41
CA GLY A 812 -15.69 6.52 -3.58
C GLY A 812 -14.34 6.24 -2.97
N LYS A 813 -13.57 7.27 -2.63
CA LYS A 813 -12.31 7.04 -1.93
C LYS A 813 -12.50 6.40 -0.56
N LEU A 814 -13.70 6.43 -0.02
CA LEU A 814 -13.95 5.99 1.35
C LEU A 814 -13.97 4.49 1.52
N TYR A 815 -13.99 3.70 0.44
CA TYR A 815 -14.24 2.27 0.58
C TYR A 815 -13.03 1.54 1.15
N MET A 816 -11.84 1.77 0.60
CA MET A 816 -10.63 1.25 1.23
C MET A 816 -10.47 1.70 2.66
N ARG A 817 -10.77 2.96 2.93
CA ARG A 817 -10.45 3.51 4.24
C ARG A 817 -11.42 3.06 5.32
N TYR A 818 -12.68 2.83 4.98
CA TYR A 818 -13.69 2.59 6.02
C TYR A 818 -14.48 1.30 5.80
N ARG A 819 -13.95 0.34 5.07
CA ARG A 819 -14.70 -0.90 4.88
C ARG A 819 -14.74 -1.73 6.16
N THR A 820 -13.70 -1.66 6.97
CA THR A 820 -13.63 -2.44 8.21
C THR A 820 -14.47 -1.84 9.33
N VAL A 821 -15.01 -0.65 9.14
CA VAL A 821 -15.92 -0.05 10.11
C VAL A 821 -17.18 -0.88 10.25
N PHE A 822 -17.48 -1.73 9.28
CA PHE A 822 -18.77 -2.39 9.19
C PHE A 822 -18.77 -3.77 9.80
N ALA A 823 -17.67 -4.20 10.40
CA ALA A 823 -17.69 -5.36 11.28
C ALA A 823 -17.97 -4.98 12.72
N ALA A 824 -17.84 -3.70 13.06
CA ALA A 824 -17.96 -3.23 14.43
C ALA A 824 -19.03 -2.17 14.61
N PHE A 825 -19.07 -1.16 13.75
CA PHE A 825 -19.84 0.04 14.04
C PHE A 825 -21.35 -0.22 13.92
N PRO A 826 -21.83 -1.15 13.09
CA PRO A 826 -23.26 -1.49 13.15
C PRO A 826 -23.70 -2.02 14.50
N LEU A 827 -22.78 -2.54 15.31
CA LEU A 827 -23.10 -2.90 16.68
C LEU A 827 -23.42 -1.68 17.52
N PHE A 828 -22.96 -0.50 17.10
CA PHE A 828 -23.38 0.74 17.76
C PHE A 828 -24.87 0.98 17.56
N ILE A 829 -25.38 0.75 16.35
CA ILE A 829 -26.80 0.93 16.10
C ILE A 829 -27.62 -0.15 16.78
N VAL A 830 -27.16 -1.41 16.71
CA VAL A 830 -27.91 -2.51 17.30
C VAL A 830 -28.02 -2.35 18.80
N SER A 831 -26.92 -1.98 19.47
CA SER A 831 -26.93 -1.84 20.91
C SER A 831 -27.83 -0.70 21.35
N LEU A 832 -27.96 0.35 20.56
CA LEU A 832 -28.86 1.43 20.92
C LEU A 832 -30.31 1.04 20.70
N VAL A 833 -30.57 0.17 19.74
CA VAL A 833 -31.94 -0.32 19.53
C VAL A 833 -32.35 -1.27 20.65
N LEU A 834 -31.46 -2.19 21.02
CA LEU A 834 -31.74 -3.08 22.14
C LEU A 834 -31.84 -2.32 23.46
N ARG A 835 -31.17 -1.17 23.57
CA ARG A 835 -31.35 -0.35 24.75
C ARG A 835 -32.75 0.23 24.80
N LYS A 836 -33.25 0.71 23.67
CA LYS A 836 -34.61 1.26 23.63
C LYS A 836 -35.65 0.17 23.82
N GLN A 837 -35.40 -1.03 23.30
CA GLN A 837 -36.33 -2.12 23.49
C GLN A 837 -36.44 -2.53 24.95
N PHE A 838 -35.31 -2.54 25.66
CA PHE A 838 -35.32 -2.89 27.07
C PHE A 838 -35.86 -1.76 27.94
N GLN A 839 -35.65 -0.51 27.53
CA GLN A 839 -36.22 0.61 28.28
C GLN A 839 -37.74 0.56 28.28
N VAL A 840 -38.32 0.38 27.10
CA VAL A 840 -39.77 0.35 26.98
C VAL A 840 -40.34 -0.87 27.69
N TYR A 841 -39.65 -2.00 27.61
CA TYR A 841 -40.09 -3.21 28.28
C TYR A 841 -40.10 -3.03 29.79
N ASP A 842 -39.03 -2.45 30.34
CA ASP A 842 -38.94 -2.28 31.78
C ASP A 842 -39.89 -1.23 32.30
N SER A 843 -40.47 -0.42 31.42
CA SER A 843 -41.41 0.62 31.83
C SER A 843 -42.85 0.30 31.48
N THR A 844 -43.09 -0.45 30.41
CA THR A 844 -44.43 -0.77 29.98
C THR A 844 -44.72 -2.26 29.94
N GLY A 845 -43.72 -3.12 29.96
CA GLY A 845 -43.95 -4.54 29.86
C GLY A 845 -44.12 -5.07 28.46
N SER A 846 -44.01 -4.22 27.44
CA SER A 846 -44.12 -4.63 26.06
C SER A 846 -42.76 -4.55 25.40
N PHE A 847 -42.30 -5.66 24.84
CA PHE A 847 -41.04 -5.71 24.11
C PHE A 847 -41.35 -5.41 22.65
N ILE A 848 -41.02 -4.18 22.22
CA ILE A 848 -41.37 -3.73 20.88
C ILE A 848 -40.48 -4.41 19.86
N THR A 849 -40.87 -4.35 18.59
CA THR A 849 -40.10 -4.97 17.53
C THR A 849 -38.80 -4.22 17.30
N PHE A 850 -37.87 -4.87 16.60
CA PHE A 850 -36.60 -4.22 16.30
C PHE A 850 -36.81 -2.98 15.44
N ALA A 851 -37.74 -3.05 14.48
CA ALA A 851 -38.02 -1.89 13.65
C ALA A 851 -38.62 -0.75 14.47
N GLU A 852 -39.51 -1.07 15.41
CA GLU A 852 -40.11 -0.05 16.25
C GLU A 852 -39.08 0.55 17.21
N GLY A 853 -38.21 -0.29 17.75
CA GLY A 853 -37.12 0.21 18.58
C GLY A 853 -36.18 1.11 17.79
N LEU A 854 -35.90 0.75 16.54
CA LEU A 854 -35.08 1.59 15.68
C LEU A 854 -35.74 2.92 15.39
N ASP A 855 -37.05 2.92 15.14
CA ASP A 855 -37.76 4.17 14.92
C ASP A 855 -37.71 5.05 16.17
N LEU A 856 -37.86 4.45 17.35
CA LEU A 856 -37.79 5.24 18.58
C LEU A 856 -36.38 5.72 18.87
N SER A 857 -35.37 4.96 18.47
CA SER A 857 -33.99 5.34 18.72
C SER A 857 -33.51 6.43 17.77
N LEU A 858 -33.95 6.39 16.52
CA LEU A 858 -33.54 7.40 15.55
C LEU A 858 -34.06 8.78 15.92
N ARG A 859 -35.05 8.86 16.79
CA ARG A 859 -35.61 10.15 17.14
C ARG A 859 -34.76 10.88 18.18
N GLN A 860 -34.31 10.17 19.22
CA GLN A 860 -33.49 10.80 20.23
C GLN A 860 -32.16 10.11 20.46
N SER A 861 -32.14 8.79 20.65
CA SER A 861 -30.97 8.14 21.21
C SER A 861 -29.79 8.11 20.24
N ILE A 862 -30.03 7.68 19.01
CA ILE A 862 -28.97 7.57 18.01
C ILE A 862 -28.42 8.93 17.62
N PRO A 863 -29.24 9.94 17.31
CA PRO A 863 -28.66 11.26 17.01
C PRO A 863 -27.83 11.85 18.13
N VAL A 864 -28.24 11.65 19.39
CA VAL A 864 -27.49 12.20 20.50
C VAL A 864 -26.13 11.52 20.62
N MET A 865 -26.09 10.20 20.46
CA MET A 865 -24.85 9.47 20.61
C MET A 865 -23.91 9.65 19.43
N LEU A 866 -24.41 10.10 18.28
CA LEU A 866 -23.52 10.51 17.20
C LEU A 866 -22.90 11.86 17.49
N ILE A 867 -23.63 12.75 18.16
CA ILE A 867 -23.06 14.02 18.59
C ILE A 867 -21.96 13.78 19.63
N VAL A 868 -22.16 12.78 20.49
CA VAL A 868 -21.13 12.46 21.48
C VAL A 868 -19.88 11.92 20.80
N LEU A 869 -20.05 11.12 19.75
CA LEU A 869 -18.90 10.64 19.00
C LEU A 869 -18.15 11.78 18.34
N ALA A 870 -18.88 12.76 17.80
CA ALA A 870 -18.23 13.92 17.22
C ALA A 870 -17.47 14.71 18.27
N ALA A 871 -18.06 14.87 19.46
CA ALA A 871 -17.38 15.56 20.53
C ALA A 871 -16.19 14.77 21.06
N LEU A 872 -16.28 13.44 21.05
CA LEU A 872 -15.14 12.62 21.45
C LEU A 872 -13.97 12.79 20.49
N THR A 873 -14.25 12.89 19.18
CA THR A 873 -13.18 13.05 18.20
C THR A 873 -12.44 14.37 18.43
N LEU A 874 -13.17 15.42 18.78
CA LEU A 874 -12.58 16.74 18.99
C LEU A 874 -11.76 16.81 20.26
N SER A 875 -11.80 15.79 21.11
CA SER A 875 -10.97 15.77 22.31
C SER A 875 -9.96 14.63 22.26
N THR A 897 4.01 12.39 20.43
CA THR A 897 4.92 11.29 20.66
C THR A 897 4.18 9.96 20.74
N ASN A 898 2.89 10.00 20.40
CA ASN A 898 2.05 8.81 20.38
C ASN A 898 1.78 8.41 18.94
N PHE A 899 2.04 7.15 18.63
CA PHE A 899 1.82 6.61 17.28
C PHE A 899 0.48 5.93 17.12
N HIS A 900 -0.36 5.93 18.16
CA HIS A 900 -1.68 5.32 18.10
C HIS A 900 -2.78 6.36 18.24
N GLN A 901 -2.48 7.61 17.86
CA GLN A 901 -3.46 8.68 17.98
C GLN A 901 -4.63 8.47 17.03
N ASN A 902 -4.36 7.87 15.89
CA ASN A 902 -5.37 7.82 14.82
C ASN A 902 -5.93 6.42 14.70
N ASP A 903 -6.08 5.69 15.80
CA ASP A 903 -6.51 4.28 15.76
C ASP A 903 -7.96 4.16 16.17
N LEU A 904 -8.57 5.24 16.65
CA LEU A 904 -9.92 5.18 17.24
C LEU A 904 -10.92 5.98 16.43
N LEU A 905 -12.19 5.59 16.46
CA LEU A 905 -13.35 6.24 15.78
C LEU A 905 -13.16 6.34 14.28
N ILE A 906 -13.01 7.56 13.75
CA ILE A 906 -12.84 7.75 12.28
C ILE A 906 -11.34 7.69 11.95
N GLY A 907 -10.48 7.81 12.96
CA GLY A 907 -9.03 7.83 12.73
C GLY A 907 -8.56 9.21 12.32
N THR A 908 -9.50 10.09 11.97
CA THR A 908 -9.15 11.47 11.56
C THR A 908 -9.78 12.46 12.55
N GLN A 909 -8.95 13.10 13.39
CA GLN A 909 -9.46 14.10 14.37
C GLN A 909 -9.74 15.40 13.60
N ASP A 910 -9.18 15.55 12.40
CA ASP A 910 -9.42 16.73 11.59
C ASP A 910 -10.90 17.08 11.63
N PRO A 911 -11.28 18.27 12.08
CA PRO A 911 -12.70 18.61 12.14
C PRO A 911 -13.37 18.69 10.79
N PHE A 912 -12.59 18.78 9.71
CA PHE A 912 -13.19 18.81 8.37
C PHE A 912 -13.94 17.51 8.09
N PHE A 913 -13.42 16.38 8.56
CA PHE A 913 -13.99 15.07 8.27
C PHE A 913 -14.93 14.60 9.36
N LEU A 914 -15.60 15.53 10.03
CA LEU A 914 -16.60 15.15 11.03
C LEU A 914 -17.86 14.60 10.40
N PHE A 915 -18.17 14.96 9.16
CA PHE A 915 -19.36 14.44 8.49
C PHE A 915 -19.28 12.94 8.31
N LEU A 916 -18.09 12.35 8.43
CA LEU A 916 -17.96 10.91 8.30
C LEU A 916 -18.71 10.18 9.40
N ILE A 917 -18.83 10.78 10.58
CA ILE A 917 -19.56 10.13 11.68
C ILE A 917 -21.04 10.02 11.35
N PRO A 918 -21.74 11.09 10.96
CA PRO A 918 -23.13 10.90 10.49
C PRO A 918 -23.23 10.02 9.27
N LEU A 919 -22.28 10.08 8.35
CA LEU A 919 -22.33 9.25 7.15
C LEU A 919 -22.29 7.77 7.52
N ILE A 920 -21.33 7.38 8.36
CA ILE A 920 -21.21 6.00 8.79
C ILE A 920 -22.43 5.60 9.61
N GLY A 921 -22.94 6.51 10.44
CA GLY A 921 -24.12 6.20 11.22
C GLY A 921 -25.33 5.89 10.36
N ILE A 922 -25.55 6.68 9.32
CA ILE A 922 -26.73 6.48 8.49
C ILE A 922 -26.56 5.24 7.60
N ILE A 923 -25.36 4.99 7.09
CA ILE A 923 -25.15 3.77 6.32
C ILE A 923 -25.35 2.55 7.21
N CYS A 924 -24.94 2.63 8.47
CA CYS A 924 -25.10 1.49 9.36
C CYS A 924 -26.55 1.34 9.81
N VAL A 925 -27.31 2.43 9.88
CA VAL A 925 -28.76 2.31 10.10
C VAL A 925 -29.39 1.53 8.96
N GLY A 926 -29.03 1.89 7.72
CA GLY A 926 -29.56 1.15 6.57
C GLY A 926 -29.15 -0.32 6.58
N VAL A 927 -27.88 -0.59 6.91
CA VAL A 927 -27.40 -1.97 6.93
C VAL A 927 -28.10 -2.77 8.02
N CYS A 928 -28.32 -2.17 9.19
CA CYS A 928 -29.02 -2.87 10.25
C CYS A 928 -30.46 -3.16 9.86
N THR A 929 -31.13 -2.22 9.20
CA THR A 929 -32.48 -2.49 8.72
C THR A 929 -32.50 -3.65 7.73
N VAL A 930 -31.55 -3.66 6.80
CA VAL A 930 -31.52 -4.73 5.81
C VAL A 930 -31.25 -6.08 6.46
N VAL A 931 -30.32 -6.12 7.41
CA VAL A 931 -30.01 -7.38 8.09
C VAL A 931 -31.20 -7.84 8.92
N ASN A 932 -31.91 -6.90 9.53
CA ASN A 932 -33.14 -7.26 10.24
C ASN A 932 -34.13 -7.94 9.32
N TYR A 933 -34.34 -7.36 8.12
CA TYR A 933 -35.28 -7.96 7.20
C TYR A 933 -34.78 -9.30 6.66
N ILE A 934 -33.46 -9.46 6.52
CA ILE A 934 -32.91 -10.75 6.12
C ILE A 934 -33.19 -11.80 7.19
N ALA A 935 -33.02 -11.45 8.46
CA ALA A 935 -33.29 -12.40 9.54
C ALA A 935 -34.77 -12.76 9.60
N LEU A 936 -35.65 -11.77 9.43
CA LEU A 936 -37.08 -12.06 9.40
C LEU A 936 -37.43 -12.97 8.24
N SER A 937 -36.86 -12.72 7.07
CA SER A 937 -37.11 -13.57 5.91
C SER A 937 -36.60 -14.98 6.12
N LEU A 938 -35.43 -15.12 6.73
CA LEU A 938 -34.89 -16.45 6.98
C LEU A 938 -35.75 -17.22 7.98
N THR A 939 -36.23 -16.54 9.02
CA THR A 939 -37.14 -17.19 9.96
C THR A 939 -38.40 -17.66 9.26
N ARG A 940 -39.01 -16.79 8.44
CA ARG A 940 -40.22 -17.19 7.74
C ARG A 940 -39.96 -18.32 6.76
N LEU A 941 -38.81 -18.30 6.10
CA LEU A 941 -38.50 -19.35 5.12
C LEU A 941 -38.31 -20.70 5.80
N ILE A 942 -37.60 -20.73 6.91
CA ILE A 942 -37.45 -22.00 7.63
C ILE A 942 -38.80 -22.47 8.17
N SER A 943 -39.64 -21.53 8.62
CA SER A 943 -40.97 -21.91 9.08
C SER A 943 -41.80 -22.49 7.94
N VAL A 944 -41.68 -21.93 6.74
CA VAL A 944 -42.39 -22.47 5.59
C VAL A 944 -41.88 -23.87 5.26
N VAL A 945 -40.58 -24.09 5.33
CA VAL A 945 -40.05 -25.43 5.10
C VAL A 945 -40.61 -26.42 6.12
N ILE A 946 -40.67 -26.02 7.39
CA ILE A 946 -41.20 -26.90 8.43
C ILE A 946 -42.68 -27.20 8.19
N SER A 947 -43.45 -26.16 7.84
CA SER A 947 -44.87 -26.38 7.58
C SER A 947 -45.08 -27.25 6.36
N PHE A 948 -44.23 -27.11 5.34
CA PHE A 948 -44.34 -27.94 4.15
C PHE A 948 -44.03 -29.40 4.48
N ILE A 949 -43.00 -29.64 5.30
CA ILE A 949 -42.72 -31.01 5.73
C ILE A 949 -43.89 -31.56 6.53
N GLY A 950 -44.49 -30.74 7.39
CA GLY A 950 -45.65 -31.18 8.14
C GLY A 950 -46.81 -31.57 7.24
N PHE A 951 -47.11 -30.74 6.24
CA PHE A 951 -48.20 -31.05 5.32
C PHE A 951 -47.89 -32.29 4.49
N LEU A 952 -46.64 -32.45 4.07
CA LEU A 952 -46.26 -33.65 3.32
C LEU A 952 -46.44 -34.89 4.17
N THR A 953 -46.15 -34.80 5.46
CA THR A 953 -46.43 -35.91 6.36
C THR A 953 -47.93 -36.17 6.47
N VAL A 954 -48.72 -35.11 6.62
CA VAL A 954 -50.15 -35.28 6.88
C VAL A 954 -50.86 -35.86 5.66
N ARG A 955 -50.58 -35.31 4.48
CA ARG A 955 -51.27 -35.75 3.27
C ARG A 955 -50.82 -37.14 2.83
N PHE A 956 -49.54 -37.45 3.02
CA PHE A 956 -48.98 -38.73 2.59
C PHE A 956 -48.85 -39.71 3.75
N GLY A 957 -49.48 -39.43 4.88
CA GLY A 957 -49.43 -40.34 6.02
C GLY A 957 -50.46 -40.04 7.09
N THR A 985 -27.68 -30.79 26.40
CA THR A 985 -28.11 -30.39 27.74
C THR A 985 -26.97 -29.75 28.52
N ALA A 986 -26.53 -30.44 29.58
CA ALA A 986 -25.47 -29.95 30.45
C ALA A 986 -24.10 -30.50 30.07
N VAL A 987 -23.98 -31.16 28.92
CA VAL A 987 -22.71 -31.74 28.48
C VAL A 987 -21.85 -30.76 27.69
N LEU A 988 -22.42 -29.64 27.24
CA LEU A 988 -21.73 -28.76 26.32
C LEU A 988 -20.46 -28.16 26.89
N LEU A 989 -20.32 -28.15 28.23
CA LEU A 989 -19.09 -27.64 28.83
C LEU A 989 -17.91 -28.54 28.53
N PHE A 990 -18.13 -29.85 28.50
CA PHE A 990 -17.03 -30.79 28.27
C PHE A 990 -16.45 -30.64 26.87
N LEU A 991 -17.31 -30.36 25.88
CA LEU A 991 -16.85 -30.31 24.49
C LEU A 991 -15.83 -29.20 24.27
N VAL A 992 -16.12 -28.00 24.78
CA VAL A 992 -15.26 -26.86 24.50
C VAL A 992 -13.91 -26.99 25.17
N SER A 993 -13.86 -27.60 26.36
CA SER A 993 -12.60 -27.70 27.09
C SER A 993 -11.60 -28.62 26.39
N THR A 994 -12.06 -29.55 25.57
CA THR A 994 -11.17 -30.55 25.00
C THR A 994 -10.65 -30.15 23.62
N MET A 995 -11.54 -30.08 22.63
CA MET A 995 -11.10 -29.94 21.25
C MET A 995 -11.83 -28.88 20.43
N ILE A 996 -13.02 -28.44 20.84
CA ILE A 996 -13.82 -27.52 20.05
C ILE A 996 -13.40 -26.09 20.38
N PRO A 997 -12.88 -25.32 19.43
CA PRO A 997 -12.69 -23.89 19.67
C PRO A 997 -14.02 -23.21 19.87
N TYR A 998 -14.02 -22.16 20.69
CA TYR A 998 -15.29 -21.55 21.03
C TYR A 998 -15.97 -20.88 19.85
N GLN A 999 -15.28 -20.73 18.72
CA GLN A 999 -15.94 -20.17 17.55
C GLN A 999 -16.92 -21.16 16.92
N LEU A 1000 -16.55 -22.45 16.88
CA LEU A 1000 -17.50 -23.46 16.44
C LEU A 1000 -18.70 -23.54 17.36
N ALA A 1001 -18.47 -23.48 18.67
CA ALA A 1001 -19.56 -23.48 19.62
C ALA A 1001 -20.43 -22.25 19.44
N TYR A 1002 -19.83 -21.12 19.10
CA TYR A 1002 -20.60 -19.91 18.88
C TYR A 1002 -21.47 -20.03 17.63
N LEU A 1003 -20.94 -20.62 16.56
CA LEU A 1003 -21.76 -20.84 15.38
C LEU A 1003 -22.92 -21.78 15.69
N VAL A 1004 -22.66 -22.84 16.46
CA VAL A 1004 -23.74 -23.75 16.82
C VAL A 1004 -24.77 -23.05 17.69
N ALA A 1005 -24.32 -22.16 18.58
CA ALA A 1005 -25.25 -21.39 19.40
C ALA A 1005 -26.11 -20.48 18.53
N CYS A 1006 -25.52 -19.87 17.51
CA CYS A 1006 -26.31 -19.06 16.59
C CYS A 1006 -27.35 -19.90 15.87
N LEU A 1007 -26.99 -21.12 15.48
CA LEU A 1007 -27.97 -21.98 14.80
C LEU A 1007 -29.09 -22.40 15.75
N VAL A 1008 -28.76 -22.74 17.01
CA VAL A 1008 -29.79 -23.08 17.98
C VAL A 1008 -30.67 -21.88 18.27
N GLN A 1009 -30.09 -20.68 18.30
CA GLN A 1009 -30.89 -19.46 18.47
C GLN A 1009 -31.81 -19.25 17.29
N LEU A 1010 -31.36 -19.55 16.08
CA LEU A 1010 -32.24 -19.47 14.92
C LEU A 1010 -33.39 -20.46 15.03
N GLY A 1011 -33.13 -21.66 15.54
CA GLY A 1011 -34.20 -22.61 15.78
C GLY A 1011 -35.20 -22.12 16.81
N THR A 1012 -34.70 -21.56 17.90
CA THR A 1012 -35.58 -20.95 18.90
C THR A 1012 -36.40 -19.83 18.30
N LEU A 1013 -35.78 -19.03 17.44
CA LEU A 1013 -36.50 -17.94 16.77
C LEU A 1013 -37.61 -18.47 15.88
N VAL A 1014 -37.35 -19.57 15.18
CA VAL A 1014 -38.39 -20.17 14.34
C VAL A 1014 -39.55 -20.65 15.19
N ARG A 1015 -39.26 -21.34 16.30
CA ARG A 1015 -40.36 -21.77 17.16
C ARG A 1015 -41.13 -20.60 17.73
N ALA A 1016 -40.42 -19.54 18.14
CA ALA A 1016 -41.09 -18.38 18.70
C ALA A 1016 -41.99 -17.71 17.68
N GLN A 1017 -41.53 -17.57 16.45
CA GLN A 1017 -42.36 -16.97 15.42
C GLN A 1017 -43.57 -17.83 15.11
N ARG A 1018 -43.39 -19.15 15.03
CA ARG A 1018 -44.52 -20.03 14.76
C ARG A 1018 -45.56 -19.92 15.86
N ILE A 1019 -45.12 -19.94 17.11
CA ILE A 1019 -46.05 -19.85 18.23
C ILE A 1019 -46.77 -18.51 18.21
N SER A 1020 -46.03 -17.43 17.94
CA SER A 1020 -46.65 -16.11 17.92
C SER A 1020 -47.65 -15.97 16.79
N SER A 1021 -47.42 -16.64 15.66
CA SER A 1021 -48.42 -16.63 14.59
C SER A 1021 -49.64 -17.45 14.95
N GLU A 1022 -49.43 -18.58 15.64
CA GLU A 1022 -50.55 -19.44 15.99
C GLU A 1022 -51.46 -18.79 17.03
N LEU A 1023 -50.87 -18.17 18.05
CA LEU A 1023 -51.63 -17.69 19.20
C LEU A 1023 -51.84 -16.19 19.24
N ARG A 1024 -50.87 -15.40 18.77
CA ARG A 1024 -51.02 -13.94 18.69
C ARG A 1024 -51.39 -13.34 20.04
N SER A 1025 -50.77 -13.80 21.06
CA SER A 1025 -50.89 -13.24 22.39
C SER A 1025 -49.88 -12.12 22.59
N PRO A 1026 -50.18 -11.14 23.45
CA PRO A 1026 -49.15 -10.14 23.78
C PRO A 1026 -47.94 -10.74 24.46
N ALA A 1027 -48.09 -11.88 25.14
CA ALA A 1027 -46.95 -12.55 25.74
C ALA A 1027 -46.11 -13.30 24.71
N ASN A 1028 -46.74 -13.78 23.65
CA ASN A 1028 -45.99 -14.47 22.60
C ASN A 1028 -45.26 -13.50 21.69
N SER A 1029 -45.78 -12.29 21.53
CA SER A 1029 -45.08 -11.28 20.75
C SER A 1029 -43.86 -10.77 21.49
N ASN A 1030 -43.95 -10.63 22.81
CA ASN A 1030 -42.80 -10.21 23.60
C ASN A 1030 -41.64 -11.18 23.42
N PHE A 1031 -41.90 -12.47 23.58
CA PHE A 1031 -40.83 -13.46 23.50
C PHE A 1031 -40.22 -13.50 22.11
N HIS A 1032 -41.06 -13.43 21.08
CA HIS A 1032 -40.54 -13.43 19.72
C HIS A 1032 -39.65 -12.22 19.48
N ASN A 1033 -40.11 -11.03 19.88
CA ASN A 1033 -39.31 -9.84 19.66
C ASN A 1033 -38.00 -9.88 20.43
N TYR A 1034 -38.05 -10.35 21.68
CA TYR A 1034 -36.84 -10.42 22.50
C TYR A 1034 -35.84 -11.41 21.93
N VAL A 1035 -36.31 -12.59 21.53
CA VAL A 1035 -35.43 -13.59 20.96
C VAL A 1035 -34.85 -13.10 19.64
N HIS A 1036 -35.65 -12.39 18.85
CA HIS A 1036 -35.16 -11.87 17.59
C HIS A 1036 -34.07 -10.82 17.80
N SER A 1037 -34.25 -9.94 18.79
CA SER A 1037 -33.21 -8.95 19.04
C SER A 1037 -31.92 -9.59 19.52
N ILE A 1038 -32.02 -10.59 20.40
CA ILE A 1038 -30.81 -11.26 20.85
C ILE A 1038 -30.14 -11.99 19.68
N PHE A 1039 -30.95 -12.55 18.77
CA PHE A 1039 -30.37 -13.17 17.59
C PHE A 1039 -29.64 -12.16 16.72
N ILE A 1040 -30.20 -10.96 16.56
CA ILE A 1040 -29.53 -9.92 15.79
C ILE A 1040 -28.20 -9.54 16.44
N LEU A 1041 -28.20 -9.42 17.76
CA LEU A 1041 -26.96 -9.11 18.47
C LEU A 1041 -25.92 -10.20 18.25
N MET A 1042 -26.33 -11.46 18.32
CA MET A 1042 -25.40 -12.56 18.08
C MET A 1042 -24.89 -12.55 16.64
N LEU A 1043 -25.78 -12.26 15.70
CA LEU A 1043 -25.46 -12.31 14.29
C LEU A 1043 -24.48 -11.22 13.91
N TRP A 1044 -24.51 -10.08 14.59
CA TRP A 1044 -23.55 -9.04 14.26
C TRP A 1044 -22.18 -9.28 14.87
N ILE A 1045 -22.05 -10.25 15.76
CA ILE A 1045 -20.74 -10.63 16.28
C ILE A 1045 -20.17 -11.82 15.52
N LEU A 1046 -21.03 -12.62 14.91
CA LEU A 1046 -20.60 -13.77 14.12
C LEU A 1046 -19.53 -13.46 13.06
N PRO A 1047 -19.57 -12.30 12.35
CA PRO A 1047 -18.49 -11.98 11.40
C PRO A 1047 -17.10 -11.99 11.99
N ILE A 1048 -16.95 -11.54 13.24
CA ILE A 1048 -15.64 -11.55 13.88
C ILE A 1048 -15.16 -12.97 14.13
N ASN A 1049 -16.07 -13.89 14.44
CA ASN A 1049 -15.70 -15.24 14.80
C ASN A 1049 -15.51 -16.17 13.60
N LEU A 1050 -16.16 -15.90 12.48
CA LEU A 1050 -16.03 -16.81 11.33
C LEU A 1050 -14.60 -16.98 10.83
N PRO A 1051 -13.75 -15.95 10.74
CA PRO A 1051 -12.39 -16.19 10.22
C PRO A 1051 -11.58 -17.20 10.99
N THR A 1052 -11.84 -17.37 12.29
CA THR A 1052 -11.11 -18.40 13.03
C THR A 1052 -11.65 -19.80 12.76
N LEU A 1053 -12.91 -19.89 12.35
CA LEU A 1053 -13.46 -21.20 11.98
C LEU A 1053 -12.79 -21.75 10.73
N VAL A 1054 -12.59 -20.91 9.71
CA VAL A 1054 -12.01 -21.40 8.47
C VAL A 1054 -10.57 -21.82 8.68
N VAL A 1055 -9.84 -21.10 9.54
CA VAL A 1055 -8.47 -21.50 9.86
C VAL A 1055 -8.45 -22.87 10.52
N TRP A 1056 -9.37 -23.10 11.46
CA TRP A 1056 -9.41 -24.38 12.16
C TRP A 1056 -9.77 -25.52 11.21
N MET A 1057 -10.77 -25.29 10.34
CA MET A 1057 -11.15 -26.32 9.38
C MET A 1057 -10.00 -26.63 8.42
N HIS A 1058 -9.31 -25.60 7.96
CA HIS A 1058 -8.14 -25.78 7.11
C HIS A 1058 -7.06 -26.59 7.82
N ASN A 1059 -6.78 -26.26 9.08
CA ASN A 1059 -5.75 -26.97 9.82
C ASN A 1059 -6.13 -28.42 10.01
N LEU A 1060 -7.41 -28.70 10.23
CA LEU A 1060 -7.86 -30.09 10.28
C LEU A 1060 -7.63 -30.79 8.96
N SER A 1061 -7.90 -30.11 7.86
CA SER A 1061 -7.65 -30.71 6.55
C SER A 1061 -6.18 -31.04 6.36
N VAL A 1062 -5.29 -30.15 6.81
CA VAL A 1062 -3.84 -30.40 6.72
C VAL A 1062 -3.36 -31.35 7.82
N HIS A 1063 -4.22 -31.69 8.77
CA HIS A 1063 -3.97 -32.55 9.93
C HIS A 1063 -3.25 -31.84 11.05
N TRP A 1064 -3.12 -30.51 10.97
CA TRP A 1064 -2.51 -29.75 12.05
C TRP A 1064 -3.50 -29.61 13.20
N LEU A 1065 -3.03 -29.85 14.42
CA LEU A 1065 -3.85 -29.72 15.62
C LEU A 1065 -3.29 -28.62 16.50
N THR A 1066 -4.15 -27.69 16.91
CA THR A 1066 -3.75 -26.60 17.79
C THR A 1066 -4.45 -26.77 19.13
N PRO A 1067 -3.71 -26.91 20.23
CA PRO A 1067 -4.35 -26.97 21.55
C PRO A 1067 -5.05 -25.66 21.88
N PHE A 1068 -6.07 -25.77 22.73
CA PHE A 1068 -6.87 -24.62 23.13
C PHE A 1068 -6.88 -24.51 24.65
N THR A 1069 -6.65 -23.29 25.15
CA THR A 1069 -6.66 -23.04 26.59
C THR A 1069 -8.10 -23.11 27.09
N SER A 1070 -8.39 -24.09 27.95
CA SER A 1070 -9.75 -24.31 28.39
C SER A 1070 -10.32 -23.11 29.11
N HIS A 1071 -9.49 -22.38 29.87
CA HIS A 1071 -9.99 -21.23 30.61
C HIS A 1071 -10.53 -20.16 29.68
N HIS A 1072 -9.85 -19.93 28.56
CA HIS A 1072 -10.31 -18.91 27.62
C HIS A 1072 -11.50 -19.39 26.80
N ASN A 1073 -11.50 -20.64 26.36
CA ASN A 1073 -12.60 -21.15 25.56
C ASN A 1073 -13.90 -21.17 26.35
N VAL A 1074 -13.85 -21.69 27.57
CA VAL A 1074 -15.05 -21.81 28.39
C VAL A 1074 -15.61 -20.44 28.73
N PHE A 1075 -14.76 -19.53 29.18
CA PHE A 1075 -15.25 -18.24 29.61
C PHE A 1075 -15.64 -17.34 28.45
N SER A 1076 -15.30 -17.71 27.23
CA SER A 1076 -15.71 -16.95 26.06
C SER A 1076 -16.99 -17.46 25.42
N ILE A 1077 -17.51 -18.59 25.88
CA ILE A 1077 -18.70 -19.17 25.26
C ILE A 1077 -19.79 -19.54 26.26
N MET A 1078 -19.51 -19.78 27.54
CA MET A 1078 -20.58 -20.13 28.47
C MET A 1078 -21.71 -19.12 28.58
N PRO A 1079 -21.49 -17.80 28.65
CA PRO A 1079 -22.66 -16.91 28.71
C PRO A 1079 -23.61 -17.08 27.54
N PHE A 1080 -23.09 -17.29 26.33
CA PHE A 1080 -23.95 -17.51 25.19
C PHE A 1080 -24.65 -18.87 25.27
N ILE A 1081 -23.94 -19.89 25.72
CA ILE A 1081 -24.56 -21.21 25.85
C ILE A 1081 -25.72 -21.15 26.83
N LEU A 1082 -25.51 -20.49 27.97
CA LEU A 1082 -26.56 -20.39 28.97
C LEU A 1082 -27.72 -19.55 28.48
N LEU A 1083 -27.45 -18.44 27.79
CA LEU A 1083 -28.52 -17.63 27.24
C LEU A 1083 -29.35 -18.42 26.23
N VAL A 1084 -28.69 -19.15 25.35
CA VAL A 1084 -29.41 -19.88 24.31
C VAL A 1084 -30.21 -21.02 24.91
N GLU A 1085 -29.67 -21.68 25.94
CA GLU A 1085 -30.43 -22.71 26.64
C GLU A 1085 -31.67 -22.10 27.32
N THR A 1086 -31.49 -20.96 27.98
CA THR A 1086 -32.63 -20.32 28.64
C THR A 1086 -33.70 -19.97 27.63
N HIS A 1087 -33.29 -19.51 26.45
CA HIS A 1087 -34.28 -19.20 25.42
C HIS A 1087 -34.97 -20.46 24.92
N THR A 1088 -34.24 -21.57 24.81
CA THR A 1088 -34.90 -22.81 24.40
C THR A 1088 -35.92 -23.28 25.44
N THR A 1089 -35.72 -22.96 26.70
CA THR A 1089 -36.76 -23.28 27.67
C THR A 1089 -38.01 -22.44 27.49
N GLY A 1090 -37.96 -21.39 26.67
CA GLY A 1090 -39.12 -20.57 26.42
C GLY A 1090 -39.36 -19.46 27.40
N GLN A 1091 -38.41 -19.17 28.28
CA GLN A 1091 -38.60 -18.20 29.34
C GLN A 1091 -38.26 -16.79 28.86
N MET A 1092 -39.19 -15.86 29.04
CA MET A 1092 -38.98 -14.47 28.68
C MET A 1092 -38.15 -13.77 29.75
N ILE A 1093 -37.38 -12.77 29.32
CA ILE A 1093 -36.52 -12.02 30.25
C ILE A 1093 -37.39 -11.38 31.32
N PRO A 1094 -37.10 -11.57 32.60
CA PRO A 1094 -37.90 -10.92 33.64
C PRO A 1094 -37.83 -9.41 33.50
N ARG A 1095 -38.96 -8.77 33.74
CA ARG A 1095 -39.08 -7.34 33.55
C ARG A 1095 -38.50 -6.61 34.75
N THR A 1096 -37.64 -5.63 34.50
CA THR A 1096 -37.05 -4.85 35.57
C THR A 1096 -37.40 -3.37 35.45
N CYS A 1104 -33.73 -0.57 44.52
CA CYS A 1104 -32.74 -1.54 44.07
C CYS A 1104 -33.15 -2.14 42.73
N CYS A 1105 -34.47 -2.24 42.51
CA CYS A 1105 -34.96 -2.71 41.22
C CYS A 1105 -34.60 -1.75 40.10
N VAL A 1106 -34.71 -0.44 40.36
CA VAL A 1106 -34.33 0.54 39.35
C VAL A 1106 -32.85 0.45 39.06
N LEU A 1107 -32.05 -0.01 40.01
CA LEU A 1107 -30.63 -0.19 39.77
C LEU A 1107 -30.38 -1.29 38.74
N LEU A 1108 -31.08 -2.41 38.87
CA LEU A 1108 -30.98 -3.44 37.84
C LEU A 1108 -31.56 -2.95 36.52
N ARG A 1109 -32.56 -2.08 36.57
CA ARG A 1109 -33.08 -1.48 35.34
C ARG A 1109 -32.01 -0.65 34.64
N HIS A 1110 -31.25 0.12 35.41
CA HIS A 1110 -30.23 0.99 34.85
C HIS A 1110 -28.98 0.25 34.42
N ILE A 1111 -28.70 -0.92 34.99
CA ILE A 1111 -27.50 -1.65 34.56
C ILE A 1111 -27.63 -2.09 33.11
N THR A 1112 -28.81 -2.54 32.69
CA THR A 1112 -28.97 -2.94 31.29
C THR A 1112 -28.76 -1.76 30.36
N SER A 1113 -29.31 -0.60 30.72
CA SER A 1113 -29.13 0.61 29.93
C SER A 1113 -27.66 0.99 29.85
N ILE A 1114 -26.97 0.97 30.98
CA ILE A 1114 -25.56 1.35 31.01
C ILE A 1114 -24.72 0.39 30.20
N LEU A 1115 -24.98 -0.91 30.32
CA LEU A 1115 -24.21 -1.89 29.57
C LEU A 1115 -24.40 -1.72 28.08
N LEU A 1116 -25.64 -1.50 27.63
CA LEU A 1116 -25.86 -1.36 26.20
C LEU A 1116 -25.30 -0.05 25.67
N LEU A 1117 -25.39 1.02 26.46
CA LEU A 1117 -24.77 2.28 26.07
C LEU A 1117 -23.26 2.15 25.95
N SER A 1118 -22.63 1.47 26.92
CA SER A 1118 -21.20 1.27 26.85
C SER A 1118 -20.81 0.40 25.67
N LEU A 1119 -21.62 -0.61 25.35
CA LEU A 1119 -21.33 -1.41 24.18
C LEU A 1119 -21.44 -0.60 22.90
N ALA A 1120 -22.46 0.26 22.79
CA ALA A 1120 -22.57 1.11 21.62
C ALA A 1120 -21.36 2.02 21.49
N LEU A 1121 -20.99 2.70 22.57
CA LEU A 1121 -19.86 3.63 22.51
C LEU A 1121 -18.55 2.90 22.24
N TYR A 1122 -18.36 1.73 22.86
CA TYR A 1122 -17.15 0.96 22.64
C TYR A 1122 -17.05 0.46 21.21
N ALA A 1123 -18.15 -0.02 20.64
CA ALA A 1123 -18.12 -0.45 19.25
C ALA A 1123 -17.81 0.70 18.33
N ALA A 1124 -18.36 1.88 18.61
CA ALA A 1124 -18.05 3.04 17.77
C ALA A 1124 -16.59 3.46 17.90
N VAL A 1125 -16.06 3.48 19.11
CA VAL A 1125 -14.73 4.06 19.35
C VAL A 1125 -13.61 3.06 19.05
N TYR A 1126 -13.63 1.89 19.69
CA TYR A 1126 -12.55 0.92 19.56
C TYR A 1126 -12.87 -0.18 18.57
N GLY A 1127 -13.89 0.00 17.74
CA GLY A 1127 -14.32 -1.08 16.88
C GLY A 1127 -13.39 -1.40 15.72
N VAL A 1128 -12.81 -0.38 15.09
CA VAL A 1128 -11.97 -0.62 13.93
C VAL A 1128 -10.65 -1.29 14.33
N SER A 1129 -10.03 -0.80 15.40
CA SER A 1129 -8.70 -1.28 15.76
C SER A 1129 -8.73 -2.48 16.70
N TYR A 1130 -9.81 -2.68 17.44
CA TYR A 1130 -9.90 -3.74 18.43
C TYR A 1130 -11.20 -4.51 18.28
N ALA A 1131 -11.52 -4.91 17.06
CA ALA A 1131 -12.75 -5.62 16.79
C ALA A 1131 -12.80 -7.00 17.46
N TYR A 1132 -11.68 -7.51 17.95
CA TYR A 1132 -11.70 -8.81 18.60
C TYR A 1132 -12.22 -8.73 20.02
N THR A 1133 -12.26 -7.54 20.62
CA THR A 1133 -12.78 -7.36 21.97
C THR A 1133 -14.30 -7.26 22.02
N LEU A 1134 -14.94 -7.07 20.87
CA LEU A 1134 -16.39 -6.96 20.86
C LEU A 1134 -17.04 -8.28 21.26
N HIS A 1135 -16.43 -9.40 20.89
CA HIS A 1135 -16.95 -10.69 21.31
C HIS A 1135 -16.99 -10.79 22.83
N GLN A 1136 -15.91 -10.38 23.50
CA GLN A 1136 -15.88 -10.44 24.94
C GLN A 1136 -16.88 -9.48 25.56
N PHE A 1137 -17.04 -8.30 24.96
CA PHE A 1137 -17.98 -7.34 25.55
C PHE A 1137 -19.41 -7.86 25.45
N VAL A 1138 -19.77 -8.39 24.28
CA VAL A 1138 -21.10 -8.95 24.08
C VAL A 1138 -21.29 -10.20 24.93
N ASN A 1139 -20.21 -10.94 25.19
CA ASN A 1139 -20.27 -12.05 26.12
C ASN A 1139 -20.62 -11.59 27.52
N LEU A 1140 -20.05 -10.46 27.94
CA LEU A 1140 -20.41 -9.89 29.23
C LEU A 1140 -21.88 -9.50 29.27
N PHE A 1141 -22.37 -8.89 28.20
CA PHE A 1141 -23.80 -8.54 28.17
C PHE A 1141 -24.68 -9.79 28.22
N ALA A 1142 -24.29 -10.85 27.53
CA ALA A 1142 -25.06 -12.09 27.59
C ALA A 1142 -25.06 -12.68 28.98
N PHE A 1143 -23.94 -12.58 29.68
CA PHE A 1143 -23.91 -13.01 31.07
C PHE A 1143 -24.86 -12.19 31.93
N TRP A 1144 -24.93 -10.89 31.69
CA TRP A 1144 -25.88 -10.07 32.42
C TRP A 1144 -27.31 -10.49 32.14
N LEU A 1145 -27.62 -10.80 30.89
CA LEU A 1145 -28.96 -11.28 30.57
C LEU A 1145 -29.26 -12.59 31.27
N VAL A 1146 -28.26 -13.46 31.39
CA VAL A 1146 -28.45 -14.70 32.13
C VAL A 1146 -28.69 -14.43 33.61
N MET A 1147 -28.02 -13.43 34.17
CA MET A 1147 -28.27 -13.06 35.57
C MET A 1147 -29.71 -12.60 35.75
N VAL A 1148 -30.18 -11.72 34.86
CA VAL A 1148 -31.56 -11.24 34.96
C VAL A 1148 -32.55 -12.36 34.73
N HIS A 1149 -32.20 -13.32 33.88
CA HIS A 1149 -33.06 -14.50 33.72
C HIS A 1149 -33.12 -15.29 35.01
N SER A 1150 -31.99 -15.43 35.69
CA SER A 1150 -31.96 -16.25 36.90
C SER A 1150 -32.72 -15.59 38.04
N THR A 1151 -32.76 -14.26 38.08
CA THR A 1151 -33.36 -13.60 39.24
C THR A 1151 -34.83 -13.96 39.39
N ALA A 1152 -35.46 -14.45 38.32
CA ALA A 1152 -36.85 -14.86 38.39
C ALA A 1152 -37.17 -15.85 37.27
N GLY B 269 6.64 -17.87 -23.52
CA GLY B 269 6.82 -18.80 -22.40
C GLY B 269 5.93 -20.01 -22.59
N THR B 270 5.68 -20.70 -21.49
CA THR B 270 4.88 -21.90 -21.56
C THR B 270 3.74 -21.73 -20.57
N THR B 271 3.90 -20.76 -19.67
CA THR B 271 2.91 -20.46 -18.66
C THR B 271 2.95 -18.97 -18.43
N SER B 272 1.82 -18.38 -18.02
CA SER B 272 1.81 -16.97 -17.75
C SER B 272 1.93 -16.72 -16.25
#